data_9DIL
#
_entry.id   9DIL
#
_cell.length_a   1.00
_cell.length_b   1.00
_cell.length_c   1.00
_cell.angle_alpha   90.00
_cell.angle_beta   90.00
_cell.angle_gamma   90.00
#
_symmetry.space_group_name_H-M   'P 1'
#
loop_
_entity.id
_entity.type
_entity.pdbx_description
1 polymer 'Transitional endoplasmic reticulum ATPase'
2 polymer 'Deubiquitinating protein VCPIP1'
3 non-polymer "ADENOSINE-5'-DIPHOSPHATE"
#
loop_
_entity_poly.entity_id
_entity_poly.type
_entity_poly.pdbx_seq_one_letter_code
_entity_poly.pdbx_strand_id
1 'polypeptide(L)'
;MASGADSKGDDLSTAILKQKNRPNRLIVDEAINEDNSVVSLSQPKMDELQLFRGDTVLLKGKKRREAVCIVLSDDTCSDE
KIRMNRVVRNNLRVRLGDVISIQPCPDVKYGKRIHVLPIDDTVEGITGNLFEVYLKPYFLEAYRPIRKGDIFLVRGGMRA
VEFKVVETDPSPYCIVAPDTVIHCEGEPIKREDEEESLNEVGYDDIGGCRKQLAQIKEMVELPLRHPALFKAIGVKPPRG
ILLYGPPGTGKTLIARAVANETGAFFFLINGPEIMSKLAGESESNLRKAFEEAEKNAPAIIFIDELDAIAPKREKTHGEV
ERRIVSQLLTLMDGLKQRAHVIVMAATNRPNSIDPALRRFGRFDREVDIGIPDATGRLEILQIHTKNMKLADDVDLEQVA
NETHGHVGADLAALCSEAALQAIRKKMDLIDLEDETIDAEVMNSLAVTMDDFRWALSQSNPSALRETVVEVPQVTWEDIG
GLEDVKRELQELVQYPVEHPDKFLKFGMTPSKGVLFYGPPGCGKTLLAKAIANECQANFISIKGPELLTMWFGESEANVR
EIFDKARQAAPCVLFFDELDSIAKARGGNIGDGGGAADRVINQILTEMDGMSTKKNVFIIGATNRPDIIDPAILRPGRLD
QLIYIPLPDEKSRVAILKANLRKSPVAKDVDLEFLAKMTNGFSGADLTEICQRACKLAIRESIESEIRRERERQTNPSAM
EVEEDDPVPEIRRDHFEEAMRFARRSVSDNDIRKYEMFAQTLQQSRGFGSFRFPSGNQGGAGPSQGSGGGTGGSVYTEDN
DDDLYG
;
A,B
2 'polypeptide(L)'
;MSQPPPPPPPLPPPPPPPEAPQTPSSLASAAASGGLLKRRDRRILSGSCPDPKCQARLFFPASGSVSIECTECGQRHEQQ
QLLGVEEVTDPDVVLHNLLRNALLGVTGAPKKNTELVKVMGLSNYHCKLLSPILARYGMDKQTGRAKLLRDMNQGELFDC
ALLGDRAFLIEPEHVNTVGYGKDRSGSLLYLHDTLEDIKRANKSQECLIPVHVDGDGHCLVHAVSRALVGRELFWHALRE
NLKQHFQQHLARYQALFHDFIDAAEWEDIINECDPLFVPPEGVPLGLRNIHIFGLANVLHRPIILLDSLSGMRSSGDYSA
TFLPGLIPAEKCTGKDGHLNKPICIAWSSSGRNHYIPLVGIKGAALPKLPMNLLPKAWGVPQDLIKKYIKLEEDGGCVIG
GDRSLQDKYLLRLVAAMEEVFMDKHGIHPSLVADVHQYFYRRTGVIGVQPEEVTAAAKKAVMDNRLHKCLLCGALSELHV
PPEWLAPGGKLYNLAKSTHGQLRTDKNYSFPLNNLVCSYDSVKDVLVPDYGMSNLTACNWCHGTSVRKVRGDGSIVYLDG
DRTNSRSTGGKCGCGFKHFWDGKEYDNLPEAFPITLEWGGRVVRETVYWFQYESDSSLNSNVYDVAMKLVTKHFPGEFGS
EILVQKVVHTILHQTAKKNPDDYTPVNIDGAHAQRVGDVQGQESESQLPTKIILTGQKTKTLHKEELNMSKTERTIQQNI
TEQASVMQKRKTEKLKQEQKGQPRTVSPSTIRDGPSSAPATPTKAPYSPTTSKEKKIRITTNDGRQSMVTLKSSTTFFEL
QESIAREFNIPPYLQCIRYGFPPKELMPPQAGMEKEPVPLQHGDRITIEILKSKAEGGQSAAAHSAHTVKQEDIAVTGKL
SSKELQEQAEKEMYSLCLLATLMGEDVWSYAKGLPHMFQQGGVFYSIMKKTMGMADGKHCTFPHLPGKTFVYNASEDRLE
LCVDAAGHFPIGPDVEDLVKEAVSQVRAEATTRSRESSPSHGLLKLGSGGVVKKKSEQLHNVTAFQGKGHSLGTASGNPH
LDPRARETSVVRKHNTGTDFSNSSTKTEPSVFTASSSNSELIRIAPGVVTMRDGRQLDPDLVEAQRKKLQEMVSSIQASM
DRHLRDQSTEQSPSDLPQRKTEVVSSSAKSGSLQTGLPESFPLTGGTENLNTETTDGCVADALGAAFATRSKAQRGNSVE
ELEEMDSQDAEMTNTTEPMDHS
;
C
#
# COMPACT_ATOMS: atom_id res chain seq x y z
N GLU A 200 14.88 -27.44 -30.64
CA GLU A 200 14.67 -26.03 -30.33
C GLU A 200 14.22 -25.85 -28.88
N VAL A 201 13.99 -24.60 -28.51
CA VAL A 201 13.63 -24.28 -27.13
C VAL A 201 12.19 -24.73 -26.85
N GLY A 202 11.94 -25.09 -25.60
CA GLY A 202 10.62 -25.49 -25.16
C GLY A 202 10.45 -25.17 -23.69
N TYR A 203 9.29 -25.55 -23.14
CA TYR A 203 9.03 -25.28 -21.73
C TYR A 203 9.98 -26.03 -20.82
N ASP A 204 10.52 -27.17 -21.30
CA ASP A 204 11.46 -27.92 -20.48
C ASP A 204 12.78 -27.18 -20.32
N ASP A 205 13.20 -26.41 -21.32
CA ASP A 205 14.44 -25.66 -21.23
C ASP A 205 14.37 -24.49 -20.27
N ILE A 206 13.20 -24.15 -19.76
CA ILE A 206 13.02 -23.05 -18.84
C ILE A 206 12.84 -23.61 -17.43
N GLY A 207 13.65 -23.13 -16.49
CA GLY A 207 13.49 -23.45 -15.10
C GLY A 207 13.03 -22.26 -14.29
N GLY A 208 13.20 -22.37 -12.97
CA GLY A 208 12.91 -21.25 -12.10
C GLY A 208 11.45 -20.88 -12.04
N CYS A 209 11.11 -19.76 -12.67
CA CYS A 209 9.74 -19.25 -12.63
C CYS A 209 8.75 -20.25 -13.21
N ARG A 210 7.65 -20.45 -12.49
CA ARG A 210 6.58 -21.33 -12.93
C ARG A 210 5.24 -20.63 -13.02
N LYS A 211 4.91 -19.77 -12.07
CA LYS A 211 3.67 -19.02 -12.14
C LYS A 211 3.65 -18.09 -13.34
N GLN A 212 4.77 -17.41 -13.60
CA GLN A 212 4.84 -16.47 -14.72
C GLN A 212 4.65 -17.17 -16.04
N LEU A 213 5.28 -18.33 -16.21
CA LEU A 213 5.09 -19.10 -17.44
C LEU A 213 3.63 -19.53 -17.59
N ALA A 214 2.99 -19.89 -16.47
CA ALA A 214 1.58 -20.25 -16.52
C ALA A 214 0.72 -19.08 -16.97
N GLN A 215 1.00 -17.89 -16.43
CA GLN A 215 0.24 -16.70 -16.83
C GLN A 215 0.44 -16.39 -18.30
N ILE A 216 1.68 -16.48 -18.78
CA ILE A 216 1.95 -16.24 -20.20
C ILE A 216 1.19 -17.24 -21.06
N LYS A 217 1.20 -18.52 -20.66
CA LYS A 217 0.47 -19.53 -21.40
C LYS A 217 -1.02 -19.20 -21.44
N GLU A 218 -1.59 -18.85 -20.29
CA GLU A 218 -3.02 -18.52 -20.24
C GLU A 218 -3.33 -17.34 -21.16
N MET A 219 -2.48 -16.33 -21.17
CA MET A 219 -2.75 -15.13 -21.96
C MET A 219 -2.55 -15.34 -23.45
N VAL A 220 -1.64 -16.23 -23.85
CA VAL A 220 -1.19 -16.29 -25.23
C VAL A 220 -1.73 -17.49 -25.98
N GLU A 221 -1.82 -18.66 -25.33
CA GLU A 221 -2.12 -19.89 -26.06
C GLU A 221 -3.49 -19.84 -26.72
N LEU A 222 -4.51 -19.37 -26.00
CA LEU A 222 -5.86 -19.40 -26.54
C LEU A 222 -6.03 -18.52 -27.78
N PRO A 223 -5.67 -17.23 -27.78
CA PRO A 223 -5.87 -16.42 -28.98
C PRO A 223 -5.05 -16.87 -30.18
N LEU A 224 -3.93 -17.55 -29.95
CA LEU A 224 -3.08 -17.98 -31.07
C LEU A 224 -3.49 -19.33 -31.63
N ARG A 225 -3.78 -20.29 -30.75
CA ARG A 225 -4.13 -21.63 -31.21
C ARG A 225 -5.54 -21.71 -31.78
N HIS A 226 -6.40 -20.73 -31.47
CA HIS A 226 -7.78 -20.73 -31.93
C HIS A 226 -8.09 -19.38 -32.57
N PRO A 227 -7.61 -19.15 -33.78
CA PRO A 227 -7.86 -17.86 -34.45
C PRO A 227 -9.33 -17.62 -34.74
N ALA A 228 -9.96 -18.56 -35.44
CA ALA A 228 -11.36 -18.38 -35.84
C ALA A 228 -12.29 -18.33 -34.64
N LEU A 229 -12.04 -19.19 -33.65
CA LEU A 229 -12.89 -19.22 -32.46
C LEU A 229 -12.84 -17.88 -31.73
N PHE A 230 -11.67 -17.26 -31.67
CA PHE A 230 -11.55 -15.96 -31.02
C PHE A 230 -12.12 -14.85 -31.89
N LYS A 231 -12.01 -14.97 -33.23
CA LYS A 231 -12.60 -13.97 -34.11
C LYS A 231 -14.12 -13.95 -33.98
N ALA A 232 -14.74 -15.13 -33.90
CA ALA A 232 -16.19 -15.19 -33.74
C ALA A 232 -16.61 -14.60 -32.39
N ILE A 233 -15.87 -14.91 -31.33
CA ILE A 233 -16.21 -14.39 -30.01
C ILE A 233 -15.86 -12.91 -29.93
N GLY A 234 -16.72 -12.14 -29.28
CA GLY A 234 -16.61 -10.70 -29.25
C GLY A 234 -15.63 -10.11 -28.25
N VAL A 235 -14.94 -10.92 -27.45
CA VAL A 235 -13.98 -10.38 -26.49
C VAL A 235 -12.71 -9.98 -27.24
N LYS A 236 -11.86 -9.18 -26.58
CA LYS A 236 -10.63 -8.68 -27.18
C LYS A 236 -9.42 -9.27 -26.47
N PRO A 237 -8.56 -10.01 -27.16
CA PRO A 237 -7.35 -10.52 -26.53
C PRO A 237 -6.34 -9.39 -26.32
N PRO A 238 -5.43 -9.54 -25.36
CA PRO A 238 -4.39 -8.52 -25.20
C PRO A 238 -3.50 -8.44 -26.43
N ARG A 239 -3.05 -7.21 -26.74
CA ARG A 239 -2.19 -6.97 -27.90
C ARG A 239 -0.83 -6.44 -27.49
N GLY A 240 -0.47 -6.58 -26.23
CA GLY A 240 0.84 -6.16 -25.77
C GLY A 240 1.17 -6.67 -24.39
N ILE A 241 2.34 -7.27 -24.22
CA ILE A 241 2.77 -7.85 -22.96
C ILE A 241 4.14 -7.28 -22.63
N LEU A 242 4.36 -6.94 -21.36
CA LEU A 242 5.60 -6.33 -20.91
C LEU A 242 6.20 -7.18 -19.81
N LEU A 243 7.43 -7.65 -20.02
CA LEU A 243 8.10 -8.55 -19.09
C LEU A 243 9.15 -7.75 -18.32
N TYR A 244 9.03 -7.76 -17.00
CA TYR A 244 9.94 -7.03 -16.12
C TYR A 244 11.09 -7.95 -15.70
N GLY A 245 11.87 -7.50 -14.73
CA GLY A 245 12.91 -8.32 -14.15
C GLY A 245 14.30 -7.89 -14.57
N PRO A 246 15.29 -8.17 -13.73
CA PRO A 246 16.66 -7.80 -14.03
C PRO A 246 17.20 -8.62 -15.19
N PRO A 247 18.26 -8.15 -15.85
CA PRO A 247 18.80 -8.89 -17.00
C PRO A 247 19.32 -10.26 -16.60
N GLY A 248 19.22 -11.19 -17.54
CA GLY A 248 19.68 -12.55 -17.34
C GLY A 248 18.62 -13.51 -16.85
N THR A 249 17.41 -13.03 -16.54
CA THR A 249 16.36 -13.91 -16.03
C THR A 249 15.75 -14.80 -17.12
N GLY A 250 16.07 -14.57 -18.38
CA GLY A 250 15.60 -15.43 -19.44
C GLY A 250 14.30 -14.98 -20.09
N LYS A 251 14.12 -13.68 -20.24
CA LYS A 251 12.91 -13.16 -20.88
C LYS A 251 12.88 -13.53 -22.36
N THR A 252 14.00 -13.35 -23.06
CA THR A 252 14.07 -13.76 -24.46
C THR A 252 13.83 -15.25 -24.59
N LEU A 253 14.38 -16.04 -23.67
CA LEU A 253 14.16 -17.47 -23.67
C LEU A 253 12.67 -17.79 -23.52
N ILE A 254 11.99 -17.09 -22.62
CA ILE A 254 10.57 -17.33 -22.40
C ILE A 254 9.78 -17.04 -23.67
N ALA A 255 10.06 -15.89 -24.30
CA ALA A 255 9.33 -15.54 -25.51
C ALA A 255 9.58 -16.55 -26.63
N ARG A 256 10.84 -16.94 -26.81
CA ARG A 256 11.16 -17.91 -27.85
C ARG A 256 10.48 -19.24 -27.59
N ALA A 257 10.49 -19.70 -26.34
CA ALA A 257 9.86 -20.98 -26.01
C ALA A 257 8.36 -20.93 -26.22
N VAL A 258 7.71 -19.82 -25.84
CA VAL A 258 6.28 -19.70 -26.06
C VAL A 258 5.96 -19.73 -27.55
N ALA A 259 6.74 -19.00 -28.34
CA ALA A 259 6.51 -18.99 -29.79
C ALA A 259 6.70 -20.37 -30.39
N ASN A 260 7.74 -21.10 -29.95
CA ASN A 260 8.00 -22.42 -30.49
C ASN A 260 6.89 -23.40 -30.10
N GLU A 261 6.48 -23.38 -28.83
CA GLU A 261 5.49 -24.33 -28.36
C GLU A 261 4.13 -24.08 -29.00
N THR A 262 3.72 -22.80 -29.08
CA THR A 262 2.45 -22.49 -29.72
C THR A 262 2.49 -22.81 -31.21
N GLY A 263 3.61 -22.52 -31.86
CA GLY A 263 3.75 -22.76 -33.29
C GLY A 263 3.58 -21.53 -34.16
N ALA A 264 3.28 -20.38 -33.57
CA ALA A 264 3.12 -19.17 -34.35
C ALA A 264 4.47 -18.65 -34.83
N PHE A 265 4.43 -17.88 -35.92
CA PHE A 265 5.64 -17.26 -36.44
C PHE A 265 6.22 -16.28 -35.42
N PHE A 266 7.54 -16.29 -35.29
CA PHE A 266 8.23 -15.46 -34.30
C PHE A 266 9.16 -14.52 -35.04
N PHE A 267 8.90 -13.22 -34.94
CA PHE A 267 9.75 -12.19 -35.53
C PHE A 267 10.40 -11.39 -34.41
N LEU A 268 11.72 -11.26 -34.46
CA LEU A 268 12.49 -10.62 -33.41
C LEU A 268 12.89 -9.22 -33.84
N ILE A 269 12.56 -8.24 -33.00
CA ILE A 269 13.00 -6.86 -33.18
C ILE A 269 13.95 -6.53 -32.05
N ASN A 270 15.17 -6.13 -32.40
CA ASN A 270 16.20 -5.83 -31.41
C ASN A 270 16.32 -4.32 -31.27
N GLY A 271 16.26 -3.85 -30.02
CA GLY A 271 16.30 -2.43 -29.74
C GLY A 271 17.53 -1.74 -30.29
N PRO A 272 18.71 -2.13 -29.80
CA PRO A 272 19.95 -1.52 -30.32
C PRO A 272 20.09 -1.66 -31.82
N GLU A 273 19.69 -2.78 -32.40
CA GLU A 273 19.82 -2.94 -33.85
C GLU A 273 18.93 -1.95 -34.59
N ILE A 274 17.71 -1.73 -34.09
CA ILE A 274 16.82 -0.76 -34.72
C ILE A 274 17.38 0.66 -34.56
N MET A 275 17.88 0.99 -33.38
CA MET A 275 18.37 2.35 -33.14
C MET A 275 19.70 2.62 -33.80
N SER A 276 20.40 1.61 -34.31
CA SER A 276 21.72 1.81 -34.90
C SER A 276 21.65 2.21 -36.37
N LYS A 277 20.49 2.11 -37.00
CA LYS A 277 20.39 2.44 -38.42
C LYS A 277 20.31 3.96 -38.60
N LEU A 278 20.40 4.39 -39.85
CA LEU A 278 20.30 5.81 -40.16
C LEU A 278 18.88 6.30 -39.96
N ALA A 279 18.74 7.61 -39.77
CA ALA A 279 17.42 8.22 -39.62
C ALA A 279 16.60 7.99 -40.87
N GLY A 280 15.35 7.58 -40.69
CA GLY A 280 14.48 7.21 -41.79
C GLY A 280 14.60 5.73 -42.14
N GLU A 281 15.82 5.20 -42.15
CA GLU A 281 16.00 3.78 -42.36
C GLU A 281 15.50 2.97 -41.17
N SER A 282 15.65 3.49 -39.95
CA SER A 282 15.15 2.79 -38.78
C SER A 282 13.63 2.68 -38.81
N GLU A 283 12.94 3.76 -39.16
CA GLU A 283 11.49 3.72 -39.26
C GLU A 283 11.05 2.76 -40.37
N SER A 284 11.77 2.75 -41.49
CA SER A 284 11.45 1.83 -42.57
C SER A 284 11.61 0.39 -42.11
N ASN A 285 12.68 0.09 -41.38
CA ASN A 285 12.87 -1.26 -40.87
C ASN A 285 11.77 -1.65 -39.91
N LEU A 286 11.37 -0.73 -39.03
CA LEU A 286 10.30 -1.03 -38.08
C LEU A 286 8.99 -1.31 -38.78
N ARG A 287 8.62 -0.46 -39.74
CA ARG A 287 7.37 -0.68 -40.48
C ARG A 287 7.42 -1.97 -41.28
N LYS A 288 8.57 -2.26 -41.90
CA LYS A 288 8.70 -3.51 -42.66
C LYS A 288 8.57 -4.72 -41.76
N ALA A 289 9.17 -4.66 -40.57
CA ALA A 289 9.04 -5.77 -39.62
C ALA A 289 7.59 -5.98 -39.23
N PHE A 290 6.88 -4.89 -38.91
CA PHE A 290 5.48 -5.02 -38.51
C PHE A 290 4.63 -5.60 -39.63
N GLU A 291 4.81 -5.10 -40.86
CA GLU A 291 3.98 -5.59 -41.95
C GLU A 291 4.32 -7.03 -42.31
N GLU A 292 5.60 -7.41 -42.23
CA GLU A 292 5.98 -8.80 -42.50
C GLU A 292 5.38 -9.73 -41.45
N ALA A 293 5.42 -9.33 -40.18
CA ALA A 293 4.81 -10.14 -39.14
C ALA A 293 3.31 -10.25 -39.33
N GLU A 294 2.67 -9.16 -39.76
CA GLU A 294 1.23 -9.21 -40.03
C GLU A 294 0.92 -10.16 -41.17
N LYS A 295 1.78 -10.20 -42.21
CA LYS A 295 1.50 -11.05 -43.36
C LYS A 295 1.50 -12.53 -42.97
N ASN A 296 2.46 -12.94 -42.16
CA ASN A 296 2.56 -14.35 -41.74
C ASN A 296 1.80 -14.61 -40.45
N ALA A 297 0.54 -14.22 -40.42
CA ALA A 297 -0.26 -14.40 -39.22
C ALA A 297 -0.61 -15.88 -39.02
N PRO A 298 -0.72 -16.34 -37.77
CA PRO A 298 -0.48 -15.60 -36.51
C PRO A 298 1.00 -15.37 -36.28
N ALA A 299 1.37 -14.35 -35.51
CA ALA A 299 2.78 -14.05 -35.32
C ALA A 299 2.98 -13.41 -33.96
N ILE A 300 4.22 -13.48 -33.48
CA ILE A 300 4.64 -12.85 -32.24
C ILE A 300 5.79 -11.92 -32.55
N ILE A 301 5.68 -10.66 -32.15
CA ILE A 301 6.71 -9.66 -32.34
C ILE A 301 7.35 -9.40 -30.98
N PHE A 302 8.64 -9.66 -30.87
CA PHE A 302 9.36 -9.48 -29.62
C PHE A 302 10.31 -8.30 -29.75
N ILE A 303 10.07 -7.26 -28.96
CA ILE A 303 10.95 -6.11 -28.90
C ILE A 303 11.92 -6.35 -27.73
N ASP A 304 13.18 -6.62 -28.05
CA ASP A 304 14.14 -7.11 -27.07
C ASP A 304 14.36 -6.12 -25.93
N GLU A 305 14.91 -4.96 -26.25
CA GLU A 305 15.22 -3.95 -25.24
C GLU A 305 14.35 -2.73 -25.54
N LEU A 306 13.13 -2.73 -24.98
CA LEU A 306 12.20 -1.64 -25.26
C LEU A 306 12.71 -0.32 -24.70
N ASP A 307 13.33 -0.35 -23.52
CA ASP A 307 13.85 0.87 -22.92
C ASP A 307 14.93 1.52 -23.78
N ALA A 308 15.54 0.77 -24.69
CA ALA A 308 16.48 1.36 -25.63
C ALA A 308 15.78 2.11 -26.74
N ILE A 309 14.61 1.65 -27.17
CA ILE A 309 13.90 2.31 -28.26
C ILE A 309 13.07 3.48 -27.75
N ALA A 310 12.32 3.27 -26.68
CA ALA A 310 11.41 4.29 -26.13
C ALA A 310 11.74 4.49 -24.66
N PRO A 311 12.81 5.21 -24.36
CA PRO A 311 13.18 5.45 -22.96
C PRO A 311 12.27 6.45 -22.29
N LYS A 312 12.61 6.84 -21.07
CA LYS A 312 11.86 7.88 -20.38
C LYS A 312 11.90 9.17 -21.18
N ARG A 313 10.80 9.92 -21.14
CA ARG A 313 10.66 11.11 -21.98
C ARG A 313 11.75 12.13 -21.68
N GLU A 314 12.04 12.36 -20.39
CA GLU A 314 13.06 13.32 -20.02
C GLU A 314 14.46 12.86 -20.41
N LYS A 315 14.65 11.57 -20.69
CA LYS A 315 15.95 11.05 -21.08
C LYS A 315 16.13 10.97 -22.60
N THR A 316 15.17 11.46 -23.38
CA THR A 316 15.31 11.44 -24.83
C THR A 316 16.41 12.40 -25.28
N HIS A 317 16.24 13.69 -25.00
CA HIS A 317 17.22 14.72 -25.35
C HIS A 317 17.54 14.68 -26.85
N GLY A 318 16.51 14.51 -27.66
CA GLY A 318 16.70 14.45 -29.09
C GLY A 318 15.38 14.56 -29.81
N GLU A 319 15.46 14.51 -31.14
CA GLU A 319 14.29 14.60 -32.00
C GLU A 319 14.02 13.30 -32.75
N VAL A 320 15.04 12.70 -33.34
CA VAL A 320 14.87 11.44 -34.05
C VAL A 320 14.42 10.34 -33.10
N GLU A 321 14.88 10.39 -31.85
CA GLU A 321 14.41 9.43 -30.85
C GLU A 321 12.92 9.58 -30.62
N ARG A 322 12.44 10.82 -30.50
CA ARG A 322 11.01 11.04 -30.34
C ARG A 322 10.25 10.62 -31.59
N ARG A 323 10.83 10.80 -32.77
CA ARG A 323 10.20 10.33 -33.99
C ARG A 323 10.07 8.81 -34.00
N ILE A 324 11.11 8.12 -33.54
CA ILE A 324 11.04 6.66 -33.46
C ILE A 324 9.97 6.23 -32.46
N VAL A 325 9.90 6.89 -31.31
CA VAL A 325 8.87 6.55 -30.33
C VAL A 325 7.48 6.77 -30.91
N SER A 326 7.28 7.88 -31.62
CA SER A 326 5.98 8.15 -32.23
C SER A 326 5.65 7.12 -33.30
N GLN A 327 6.65 6.71 -34.09
CA GLN A 327 6.43 5.67 -35.09
C GLN A 327 6.01 4.37 -34.42
N LEU A 328 6.66 4.03 -33.31
CA LEU A 328 6.29 2.82 -32.58
C LEU A 328 4.86 2.92 -32.05
N LEU A 329 4.49 4.08 -31.52
CA LEU A 329 3.12 4.26 -31.04
C LEU A 329 2.11 4.13 -32.17
N THR A 330 2.41 4.71 -33.33
CA THR A 330 1.51 4.63 -34.47
C THR A 330 1.34 3.18 -34.92
N LEU A 331 2.45 2.43 -34.98
CA LEU A 331 2.35 1.03 -35.36
C LEU A 331 1.60 0.21 -34.32
N MET A 332 1.76 0.54 -33.03
CA MET A 332 1.07 -0.19 -31.99
C MET A 332 -0.43 0.05 -32.03
N ASP A 333 -0.85 1.31 -32.13
CA ASP A 333 -2.27 1.64 -32.19
C ASP A 333 -2.90 1.25 -33.52
N GLY A 334 -2.09 0.88 -34.52
CA GLY A 334 -2.58 0.47 -35.81
C GLY A 334 -2.92 -0.99 -35.92
N LEU A 335 -2.88 -1.74 -34.81
CA LEU A 335 -3.18 -3.17 -34.82
C LEU A 335 -4.70 -3.37 -34.81
N LYS A 336 -5.32 -3.05 -35.95
CA LYS A 336 -6.73 -3.29 -36.14
C LYS A 336 -6.92 -4.79 -36.39
N GLN A 337 -6.91 -5.54 -35.29
CA GLN A 337 -6.98 -7.00 -35.31
C GLN A 337 -5.80 -7.60 -36.06
N ARG A 338 -5.74 -7.38 -37.38
CA ARG A 338 -4.69 -7.91 -38.23
C ARG A 338 -4.50 -9.41 -37.97
N ALA A 339 -5.61 -10.14 -38.12
CA ALA A 339 -5.69 -11.53 -37.68
C ALA A 339 -5.30 -11.61 -36.21
N HIS A 340 -4.10 -12.10 -35.93
CA HIS A 340 -3.66 -12.25 -34.55
C HIS A 340 -2.16 -12.03 -34.48
N VAL A 341 -1.75 -10.86 -33.98
CA VAL A 341 -0.35 -10.55 -33.73
C VAL A 341 -0.22 -10.07 -32.30
N ILE A 342 0.70 -10.64 -31.55
CA ILE A 342 0.95 -10.30 -30.15
C ILE A 342 2.33 -9.69 -30.06
N VAL A 343 2.43 -8.52 -29.43
CA VAL A 343 3.69 -7.80 -29.29
C VAL A 343 4.16 -7.94 -27.85
N MET A 344 5.36 -8.46 -27.66
CA MET A 344 5.95 -8.65 -26.35
C MET A 344 7.23 -7.85 -26.25
N ALA A 345 7.40 -7.15 -25.14
CA ALA A 345 8.57 -6.31 -24.91
C ALA A 345 9.17 -6.64 -23.55
N ALA A 346 10.48 -6.44 -23.45
CA ALA A 346 11.21 -6.74 -22.22
C ALA A 346 11.94 -5.49 -21.75
N THR A 347 11.84 -5.23 -20.44
CA THR A 347 12.52 -4.09 -19.84
C THR A 347 12.93 -4.46 -18.42
N ASN A 348 13.98 -3.79 -17.94
CA ASN A 348 14.50 -4.08 -16.61
C ASN A 348 13.58 -3.55 -15.52
N ARG A 349 13.05 -2.34 -15.70
CA ARG A 349 12.28 -1.67 -14.68
C ARG A 349 11.02 -1.10 -15.30
N PRO A 350 9.90 -1.11 -14.57
CA PRO A 350 8.70 -0.43 -15.08
C PRO A 350 8.91 1.06 -15.30
N ASN A 351 9.74 1.70 -14.48
CA ASN A 351 9.94 3.14 -14.58
C ASN A 351 10.80 3.55 -15.77
N SER A 352 11.48 2.61 -16.41
CA SER A 352 12.38 2.92 -17.52
C SER A 352 11.69 2.83 -18.87
N ILE A 353 10.38 3.07 -18.94
CA ILE A 353 9.62 2.99 -20.17
C ILE A 353 8.79 4.26 -20.29
N ASP A 354 8.69 4.78 -21.50
CA ASP A 354 7.88 5.96 -21.77
C ASP A 354 6.44 5.68 -21.35
N PRO A 355 5.83 6.52 -20.51
CA PRO A 355 4.48 6.23 -20.02
C PRO A 355 3.44 6.16 -21.11
N ALA A 356 3.70 6.74 -22.29
CA ALA A 356 2.74 6.65 -23.38
C ALA A 356 2.51 5.22 -23.84
N LEU A 357 3.46 4.33 -23.58
CA LEU A 357 3.30 2.92 -23.93
C LEU A 357 2.47 2.15 -22.92
N ARG A 358 2.21 2.72 -21.75
CA ARG A 358 1.47 2.01 -20.71
C ARG A 358 -0.04 2.09 -20.90
N ARG A 359 -0.53 2.99 -21.75
CA ARG A 359 -1.97 3.17 -21.86
C ARG A 359 -2.60 1.99 -22.57
N PHE A 360 -3.93 1.95 -22.52
CA PHE A 360 -4.69 0.84 -23.09
C PHE A 360 -4.55 0.82 -24.60
N GLY A 361 -4.68 -0.36 -25.19
CA GLY A 361 -4.33 -0.57 -26.57
C GLY A 361 -2.84 -0.71 -26.80
N ARG A 362 -2.04 -0.73 -25.74
CA ARG A 362 -0.59 -0.78 -25.82
C ARG A 362 -0.13 -1.73 -24.72
N PHE A 363 1.15 -1.62 -24.33
CA PHE A 363 1.72 -2.55 -23.37
C PHE A 363 1.10 -2.28 -21.99
N ASP A 364 -0.12 -2.77 -21.83
CA ASP A 364 -0.87 -2.60 -20.59
C ASP A 364 -0.76 -3.80 -19.66
N ARG A 365 -0.54 -5.00 -20.20
CA ARG A 365 -0.42 -6.20 -19.39
C ARG A 365 1.04 -6.42 -19.01
N GLU A 366 1.30 -6.62 -17.73
CA GLU A 366 2.65 -6.72 -17.20
C GLU A 366 2.84 -8.04 -16.48
N VAL A 367 3.99 -8.68 -16.70
CA VAL A 367 4.38 -9.90 -16.01
C VAL A 367 5.75 -9.67 -15.39
N ASP A 368 5.86 -9.94 -14.09
CA ASP A 368 7.08 -9.69 -13.35
C ASP A 368 7.84 -11.00 -13.16
N ILE A 369 9.07 -11.05 -13.68
CA ILE A 369 9.94 -12.20 -13.55
C ILE A 369 11.03 -11.84 -12.55
N GLY A 370 11.02 -12.52 -11.39
CA GLY A 370 11.91 -12.19 -10.30
C GLY A 370 13.12 -13.09 -10.24
N ILE A 371 13.86 -12.96 -9.13
CA ILE A 371 15.04 -13.78 -8.90
C ILE A 371 14.59 -15.20 -8.56
N PRO A 372 15.22 -16.23 -9.12
CA PRO A 372 14.84 -17.61 -8.78
C PRO A 372 15.09 -17.90 -7.31
N ASP A 373 14.25 -18.77 -6.76
CA ASP A 373 14.39 -19.22 -5.38
C ASP A 373 15.29 -20.46 -5.35
N ALA A 374 15.40 -21.08 -4.17
CA ALA A 374 16.28 -22.25 -4.03
C ALA A 374 15.84 -23.39 -4.94
N THR A 375 14.53 -23.67 -4.97
CA THR A 375 14.04 -24.71 -5.87
C THR A 375 14.24 -24.30 -7.33
N GLY A 376 14.01 -23.02 -7.65
CA GLY A 376 14.27 -22.56 -9.00
C GLY A 376 15.73 -22.69 -9.38
N ARG A 377 16.63 -22.33 -8.47
CA ARG A 377 18.05 -22.47 -8.76
C ARG A 377 18.43 -23.92 -8.95
N LEU A 378 17.86 -24.82 -8.16
CA LEU A 378 18.11 -26.24 -8.35
C LEU A 378 17.62 -26.70 -9.72
N GLU A 379 16.44 -26.22 -10.14
CA GLU A 379 15.93 -26.59 -11.46
C GLU A 379 16.86 -26.08 -12.56
N ILE A 380 17.35 -24.85 -12.42
CA ILE A 380 18.26 -24.29 -13.42
C ILE A 380 19.54 -25.11 -13.48
N LEU A 381 20.09 -25.48 -12.33
CA LEU A 381 21.31 -26.28 -12.31
C LEU A 381 21.08 -27.64 -12.95
N GLN A 382 19.94 -28.27 -12.68
CA GLN A 382 19.64 -29.55 -13.30
C GLN A 382 19.51 -29.41 -14.80
N ILE A 383 18.89 -28.32 -15.27
CA ILE A 383 18.75 -28.09 -16.70
C ILE A 383 20.13 -27.94 -17.34
N HIS A 384 21.01 -27.16 -16.72
CA HIS A 384 22.29 -26.86 -17.33
C HIS A 384 23.32 -27.96 -17.14
N THR A 385 23.09 -28.92 -16.25
CA THR A 385 24.01 -30.02 -16.02
C THR A 385 23.52 -31.34 -16.59
N LYS A 386 22.41 -31.34 -17.32
CA LYS A 386 21.86 -32.59 -17.82
C LYS A 386 22.69 -33.21 -18.91
N ASN A 387 23.59 -32.44 -19.53
CA ASN A 387 24.42 -32.95 -20.61
C ASN A 387 25.80 -33.40 -20.16
N MET A 388 26.28 -32.91 -19.03
CA MET A 388 27.60 -33.26 -18.53
C MET A 388 27.52 -34.39 -17.51
N LYS A 389 28.68 -34.97 -17.22
CA LYS A 389 28.80 -36.09 -16.30
C LYS A 389 29.32 -35.59 -14.95
N LEU A 390 28.59 -35.89 -13.89
CA LEU A 390 28.94 -35.45 -12.55
C LEU A 390 29.40 -36.64 -11.72
N ALA A 391 30.32 -36.38 -10.79
CA ALA A 391 30.75 -37.40 -9.87
C ALA A 391 29.63 -37.74 -8.88
N ASP A 392 29.74 -38.92 -8.28
CA ASP A 392 28.66 -39.43 -7.43
C ASP A 392 28.49 -38.65 -6.14
N ASP A 393 29.45 -37.79 -5.78
CA ASP A 393 29.36 -37.01 -4.55
C ASP A 393 28.87 -35.59 -4.79
N VAL A 394 28.38 -35.29 -6.00
CA VAL A 394 27.89 -33.96 -6.32
C VAL A 394 26.44 -33.85 -5.87
N ASP A 395 26.17 -32.95 -4.94
CA ASP A 395 24.82 -32.71 -4.42
C ASP A 395 24.38 -31.34 -4.95
N LEU A 396 23.64 -31.35 -6.05
CA LEU A 396 23.21 -30.09 -6.67
C LEU A 396 22.32 -29.29 -5.73
N GLU A 397 21.62 -29.96 -4.81
CA GLU A 397 20.80 -29.23 -3.85
C GLU A 397 21.67 -28.35 -2.96
N GLN A 398 22.82 -28.86 -2.53
CA GLN A 398 23.70 -28.09 -1.67
C GLN A 398 24.19 -26.83 -2.36
N VAL A 399 24.72 -26.97 -3.58
CA VAL A 399 25.26 -25.81 -4.29
C VAL A 399 24.13 -24.85 -4.66
N ALA A 400 22.95 -25.39 -5.00
CA ALA A 400 21.81 -24.52 -5.28
C ALA A 400 21.42 -23.71 -4.06
N ASN A 401 21.46 -24.32 -2.88
CA ASN A 401 21.14 -23.59 -1.66
C ASN A 401 22.23 -22.58 -1.33
N GLU A 402 23.48 -22.87 -1.66
CA GLU A 402 24.58 -21.96 -1.34
C GLU A 402 24.46 -20.65 -2.10
N THR A 403 24.11 -20.70 -3.38
CA THR A 403 24.05 -19.52 -4.23
C THR A 403 22.85 -18.68 -3.81
N HIS A 404 23.08 -17.65 -2.99
CA HIS A 404 21.98 -16.86 -2.49
C HIS A 404 21.38 -15.99 -3.59
N GLY A 405 22.19 -15.09 -4.15
CA GLY A 405 21.70 -14.22 -5.20
C GLY A 405 22.28 -14.56 -6.56
N HIS A 406 21.49 -15.22 -7.41
CA HIS A 406 21.96 -15.61 -8.73
C HIS A 406 20.77 -15.65 -9.68
N VAL A 407 21.02 -15.27 -10.92
CA VAL A 407 20.03 -15.40 -11.99
C VAL A 407 20.46 -16.55 -12.88
N GLY A 408 19.60 -16.90 -13.84
CA GLY A 408 19.88 -18.05 -14.69
C GLY A 408 21.20 -17.97 -15.40
N ALA A 409 21.57 -16.77 -15.87
CA ALA A 409 22.85 -16.60 -16.53
C ALA A 409 23.99 -16.91 -15.58
N ASP A 410 23.89 -16.47 -14.33
CA ASP A 410 24.94 -16.73 -13.35
C ASP A 410 25.10 -18.23 -13.09
N LEU A 411 23.98 -18.95 -12.97
CA LEU A 411 24.06 -20.38 -12.72
C LEU A 411 24.62 -21.13 -13.93
N ALA A 412 24.24 -20.71 -15.14
CA ALA A 412 24.83 -21.33 -16.32
C ALA A 412 26.32 -21.08 -16.38
N ALA A 413 26.75 -19.86 -16.06
CA ALA A 413 28.18 -19.55 -16.03
C ALA A 413 28.88 -20.37 -14.97
N LEU A 414 28.25 -20.58 -13.82
CA LEU A 414 28.83 -21.38 -12.75
C LEU A 414 29.05 -22.83 -13.22
N CYS A 415 28.04 -23.40 -13.87
CA CYS A 415 28.18 -24.77 -14.36
C CYS A 415 29.27 -24.87 -15.41
N SER A 416 29.31 -23.91 -16.33
CA SER A 416 30.36 -23.93 -17.36
C SER A 416 31.74 -23.79 -16.74
N GLU A 417 31.88 -22.91 -15.74
CA GLU A 417 33.15 -22.71 -15.09
C GLU A 417 33.60 -23.98 -14.37
N ALA A 418 32.68 -24.65 -13.69
CA ALA A 418 33.04 -25.90 -13.03
C ALA A 418 33.47 -26.96 -14.04
N ALA A 419 32.75 -27.07 -15.15
CA ALA A 419 33.13 -28.04 -16.17
C ALA A 419 34.51 -27.74 -16.74
N LEU A 420 34.78 -26.46 -17.02
CA LEU A 420 36.10 -26.10 -17.55
C LEU A 420 37.20 -26.32 -16.53
N GLN A 421 36.90 -26.10 -15.25
CA GLN A 421 37.87 -26.39 -14.20
C GLN A 421 38.22 -27.86 -14.16
N ALA A 422 37.20 -28.73 -14.27
CA ALA A 422 37.46 -30.16 -14.32
C ALA A 422 38.28 -30.53 -15.55
N ILE A 423 37.95 -29.92 -16.70
CA ILE A 423 38.68 -30.22 -17.93
C ILE A 423 40.14 -29.80 -17.78
N ARG A 424 40.39 -28.65 -17.17
CA ARG A 424 41.77 -28.19 -16.99
C ARG A 424 42.51 -29.10 -16.01
N LYS A 425 41.86 -29.52 -14.94
CA LYS A 425 42.53 -30.39 -13.97
C LYS A 425 42.75 -31.80 -14.51
N LYS A 426 42.02 -32.20 -15.55
CA LYS A 426 42.18 -33.55 -16.09
C LYS A 426 43.08 -33.60 -17.31
N MET A 427 42.84 -32.74 -18.31
CA MET A 427 43.52 -32.85 -19.60
C MET A 427 45.03 -32.63 -19.46
N ASP A 428 45.47 -31.89 -18.45
CA ASP A 428 46.91 -31.67 -18.27
C ASP A 428 47.65 -32.99 -18.10
N LEU A 429 46.98 -34.00 -17.54
CA LEU A 429 47.60 -35.32 -17.44
C LEU A 429 47.79 -35.95 -18.81
N ILE A 430 46.72 -35.98 -19.63
CA ILE A 430 46.84 -36.55 -20.96
C ILE A 430 47.60 -35.61 -21.90
N ASP A 431 47.39 -34.30 -21.72
CA ASP A 431 48.05 -33.23 -22.49
C ASP A 431 48.17 -33.54 -23.98
N LEU A 432 47.12 -34.14 -24.56
CA LEU A 432 47.08 -34.46 -25.98
C LEU A 432 45.89 -33.74 -26.61
N GLU A 433 46.14 -32.51 -27.06
CA GLU A 433 45.12 -31.75 -27.79
C GLU A 433 45.14 -32.23 -29.24
N ASP A 434 44.43 -33.33 -29.48
CA ASP A 434 44.46 -34.01 -30.76
C ASP A 434 43.66 -33.23 -31.80
N GLU A 435 43.55 -33.80 -32.99
CA GLU A 435 42.80 -33.17 -34.07
C GLU A 435 41.32 -33.04 -33.71
N THR A 436 40.75 -34.07 -33.09
CA THR A 436 39.38 -34.04 -32.62
C THR A 436 39.32 -34.53 -31.18
N ILE A 437 38.34 -34.02 -30.44
CA ILE A 437 38.18 -34.41 -29.04
C ILE A 437 37.61 -35.82 -28.99
N ASP A 438 38.46 -36.79 -28.68
CA ASP A 438 38.06 -38.19 -28.69
C ASP A 438 37.01 -38.47 -27.61
N ALA A 439 36.14 -39.43 -27.90
CA ALA A 439 35.03 -39.74 -27.00
C ALA A 439 35.49 -40.41 -25.71
N GLU A 440 36.70 -40.96 -25.68
CA GLU A 440 37.21 -41.65 -24.50
C GLU A 440 37.86 -40.70 -23.48
N VAL A 441 37.56 -39.40 -23.57
CA VAL A 441 38.05 -38.41 -22.61
C VAL A 441 36.91 -37.76 -21.85
N MET A 442 35.87 -37.31 -22.57
CA MET A 442 34.73 -36.68 -21.92
C MET A 442 34.01 -37.66 -21.00
N ASN A 443 33.80 -38.89 -21.46
CA ASN A 443 33.12 -39.89 -20.64
C ASN A 443 33.93 -40.22 -19.40
N SER A 444 35.24 -40.34 -19.53
CA SER A 444 36.10 -40.65 -18.40
C SER A 444 36.26 -39.47 -17.45
N LEU A 445 35.80 -38.28 -17.84
CA LEU A 445 35.92 -37.09 -17.02
C LEU A 445 34.60 -36.76 -16.36
N ALA A 446 34.63 -36.53 -15.06
CA ALA A 446 33.45 -36.16 -14.29
C ALA A 446 33.77 -34.97 -13.40
N VAL A 447 32.76 -34.13 -13.19
CA VAL A 447 32.90 -32.95 -12.34
C VAL A 447 32.60 -33.34 -10.91
N THR A 448 33.46 -32.94 -9.99
CA THR A 448 33.31 -33.27 -8.58
C THR A 448 32.77 -32.07 -7.80
N MET A 449 32.46 -32.33 -6.53
CA MET A 449 32.00 -31.25 -5.65
C MET A 449 33.08 -30.21 -5.43
N ASP A 450 34.35 -30.64 -5.45
CA ASP A 450 35.45 -29.69 -5.26
C ASP A 450 35.47 -28.64 -6.35
N ASP A 451 35.28 -29.07 -7.61
CA ASP A 451 35.26 -28.11 -8.71
C ASP A 451 34.09 -27.15 -8.57
N PHE A 452 32.93 -27.65 -8.17
CA PHE A 452 31.78 -26.77 -7.99
C PHE A 452 32.02 -25.75 -6.89
N ARG A 453 32.63 -26.17 -5.78
CA ARG A 453 32.96 -25.22 -4.72
C ARG A 453 33.99 -24.21 -5.19
N TRP A 454 34.99 -24.65 -5.95
CA TRP A 454 36.00 -23.74 -6.47
C TRP A 454 35.38 -22.69 -7.38
N ALA A 455 34.49 -23.12 -8.28
CA ALA A 455 33.82 -22.17 -9.15
C ALA A 455 32.87 -21.25 -8.39
N LEU A 456 32.19 -21.80 -7.38
CA LEU A 456 31.27 -20.98 -6.58
C LEU A 456 32.02 -19.89 -5.83
N SER A 457 33.20 -20.20 -5.30
CA SER A 457 33.97 -19.20 -4.59
C SER A 457 34.35 -18.05 -5.51
N GLN A 458 34.75 -18.36 -6.73
CA GLN A 458 35.12 -17.34 -7.71
C GLN A 458 33.95 -17.05 -8.66
N SER A 459 32.87 -16.54 -8.08
CA SER A 459 31.66 -16.23 -8.83
C SER A 459 31.19 -14.83 -8.47
N ASN A 460 30.59 -14.15 -9.45
CA ASN A 460 30.12 -12.79 -9.27
C ASN A 460 28.59 -12.76 -9.35
N PRO A 461 27.89 -12.72 -8.23
CA PRO A 461 26.43 -12.60 -8.28
C PRO A 461 26.00 -11.32 -8.97
N SER A 462 24.91 -11.41 -9.72
CA SER A 462 24.40 -10.24 -10.44
C SER A 462 23.38 -9.46 -9.64
N ALA A 463 22.55 -10.15 -8.85
CA ALA A 463 21.48 -9.51 -8.09
C ALA A 463 21.69 -9.83 -6.61
N LEU A 464 22.31 -8.92 -5.89
CA LEU A 464 22.48 -9.03 -4.45
C LEU A 464 21.72 -7.96 -3.67
N ARG A 465 21.60 -6.76 -4.22
CA ARG A 465 20.85 -5.68 -3.59
C ARG A 465 19.40 -5.63 -4.03
N GLU A 466 18.98 -6.53 -4.92
CA GLU A 466 17.57 -6.63 -5.27
C GLU A 466 16.79 -7.19 -4.09
N THR A 467 15.62 -6.60 -3.83
CA THR A 467 14.75 -7.10 -2.78
C THR A 467 14.30 -8.52 -3.11
N VAL A 468 14.40 -9.41 -2.14
CA VAL A 468 14.09 -10.82 -2.35
C VAL A 468 12.68 -11.10 -1.84
N VAL A 469 11.87 -11.72 -2.68
CA VAL A 469 10.48 -12.05 -2.36
C VAL A 469 10.31 -13.55 -2.54
N GLU A 470 10.02 -14.25 -1.44
CA GLU A 470 9.89 -15.70 -1.47
C GLU A 470 9.20 -16.13 -0.19
N VAL A 471 8.73 -17.38 -0.18
CA VAL A 471 8.11 -17.97 0.99
C VAL A 471 9.20 -18.45 1.93
N PRO A 472 9.23 -17.99 3.18
CA PRO A 472 10.27 -18.42 4.11
C PRO A 472 10.16 -19.91 4.42
N GLN A 473 11.30 -20.48 4.80
CA GLN A 473 11.39 -21.91 5.09
C GLN A 473 11.34 -22.21 6.57
N VAL A 474 11.08 -21.23 7.42
CA VAL A 474 10.97 -21.47 8.85
C VAL A 474 9.54 -21.89 9.19
N THR A 475 9.39 -22.54 10.33
CA THR A 475 8.09 -23.03 10.78
C THR A 475 7.91 -22.69 12.25
N TRP A 476 6.76 -23.07 12.80
CA TRP A 476 6.49 -22.81 14.21
C TRP A 476 7.39 -23.61 15.13
N GLU A 477 7.98 -24.70 14.65
CA GLU A 477 8.84 -25.53 15.48
C GLU A 477 10.11 -24.80 15.90
N ASP A 478 10.53 -23.79 15.15
CA ASP A 478 11.74 -23.06 15.48
C ASP A 478 11.59 -22.15 16.68
N ILE A 479 10.37 -21.81 17.07
CA ILE A 479 10.11 -20.98 18.24
C ILE A 479 9.23 -21.76 19.20
N GLY A 480 9.68 -21.88 20.43
CA GLY A 480 8.89 -22.56 21.44
C GLY A 480 7.92 -21.63 22.13
N GLY A 481 6.79 -22.18 22.55
CA GLY A 481 5.80 -21.38 23.26
C GLY A 481 5.17 -20.32 22.36
N LEU A 482 4.76 -19.22 22.98
CA LEU A 482 4.09 -18.12 22.29
C LEU A 482 2.86 -18.61 21.55
N GLU A 483 2.10 -19.51 22.17
CA GLU A 483 0.92 -20.05 21.53
C GLU A 483 -0.15 -18.99 21.31
N ASP A 484 -0.29 -18.07 22.25
CA ASP A 484 -1.29 -17.00 22.11
C ASP A 484 -0.98 -16.13 20.90
N VAL A 485 0.29 -15.79 20.71
CA VAL A 485 0.67 -14.98 19.56
C VAL A 485 0.44 -15.76 18.27
N LYS A 486 0.69 -17.07 18.28
CA LYS A 486 0.43 -17.88 17.10
C LYS A 486 -1.05 -17.85 16.75
N ARG A 487 -1.92 -18.01 17.76
CA ARG A 487 -3.35 -17.98 17.51
C ARG A 487 -3.78 -16.62 16.99
N GLU A 488 -3.23 -15.54 17.56
CA GLU A 488 -3.60 -14.20 17.10
C GLU A 488 -3.17 -13.98 15.66
N LEU A 489 -1.96 -14.41 15.30
CA LEU A 489 -1.50 -14.23 13.92
C LEU A 489 -2.33 -15.05 12.95
N GLN A 490 -2.66 -16.29 13.31
CA GLN A 490 -3.52 -17.11 12.46
C GLN A 490 -4.88 -16.45 12.29
N GLU A 491 -5.43 -15.90 13.37
CA GLU A 491 -6.73 -15.26 13.30
C GLU A 491 -6.69 -14.01 12.41
N LEU A 492 -5.59 -13.27 12.47
CA LEU A 492 -5.53 -11.98 11.79
C LEU A 492 -5.12 -12.09 10.32
N VAL A 493 -4.27 -13.04 9.94
CA VAL A 493 -3.76 -13.09 8.58
C VAL A 493 -4.14 -14.36 7.84
N GLN A 494 -4.54 -15.43 8.52
CA GLN A 494 -4.85 -16.67 7.81
C GLN A 494 -6.34 -16.80 7.50
N TYR A 495 -7.20 -16.36 8.42
CA TYR A 495 -8.64 -16.45 8.18
C TYR A 495 -9.10 -15.65 6.97
N PRO A 496 -8.76 -14.36 6.82
CA PRO A 496 -9.29 -13.62 5.66
C PRO A 496 -8.84 -14.18 4.32
N VAL A 497 -7.63 -14.72 4.24
CA VAL A 497 -7.15 -15.26 2.97
C VAL A 497 -7.69 -16.65 2.68
N GLU A 498 -8.33 -17.29 3.66
CA GLU A 498 -8.80 -18.66 3.51
C GLU A 498 -10.31 -18.80 3.52
N HIS A 499 -11.02 -17.94 4.25
CA HIS A 499 -12.48 -17.99 4.31
C HIS A 499 -13.06 -16.59 4.11
N PRO A 500 -12.94 -16.04 2.90
CA PRO A 500 -13.52 -14.71 2.64
C PRO A 500 -15.02 -14.67 2.81
N ASP A 501 -15.71 -15.78 2.52
CA ASP A 501 -17.17 -15.79 2.55
C ASP A 501 -17.69 -15.51 3.94
N LYS A 502 -17.07 -16.12 4.97
CA LYS A 502 -17.52 -15.87 6.33
C LYS A 502 -17.18 -14.46 6.78
N PHE A 503 -16.13 -13.86 6.22
CA PHE A 503 -15.83 -12.47 6.55
C PHE A 503 -16.86 -11.53 5.97
N LEU A 504 -17.26 -11.75 4.72
CA LEU A 504 -18.29 -10.89 4.12
C LEU A 504 -19.68 -11.18 4.66
N LYS A 505 -19.91 -12.39 5.19
CA LYS A 505 -21.21 -12.72 5.74
C LYS A 505 -21.55 -11.84 6.93
N PHE A 506 -20.58 -11.63 7.82
CA PHE A 506 -20.77 -10.76 8.98
C PHE A 506 -20.38 -9.32 8.71
N GLY A 507 -19.93 -9.01 7.49
CA GLY A 507 -19.61 -7.63 7.15
C GLY A 507 -18.50 -7.02 7.98
N MET A 508 -17.45 -7.78 8.22
CA MET A 508 -16.30 -7.30 9.00
C MET A 508 -15.14 -7.02 8.05
N THR A 509 -14.56 -5.83 8.17
CA THR A 509 -13.39 -5.48 7.38
C THR A 509 -12.15 -6.03 8.05
N PRO A 510 -11.34 -6.83 7.35
CA PRO A 510 -10.12 -7.35 7.96
C PRO A 510 -9.16 -6.24 8.35
N SER A 511 -8.42 -6.45 9.43
CA SER A 511 -7.42 -5.49 9.84
C SER A 511 -6.23 -5.53 8.89
N LYS A 512 -5.44 -4.45 8.92
CA LYS A 512 -4.30 -4.33 8.03
C LYS A 512 -2.96 -4.60 8.69
N GLY A 513 -2.74 -4.11 9.92
CA GLY A 513 -1.43 -4.12 10.50
C GLY A 513 -1.41 -4.62 11.93
N VAL A 514 -0.22 -5.04 12.35
CA VAL A 514 0.06 -5.46 13.72
C VAL A 514 1.43 -4.92 14.09
N LEU A 515 1.58 -4.44 15.32
CA LEU A 515 2.85 -3.90 15.81
C LEU A 515 3.37 -4.77 16.95
N PHE A 516 4.57 -5.29 16.79
CA PHE A 516 5.24 -6.08 17.80
C PHE A 516 6.16 -5.18 18.63
N TYR A 517 6.09 -5.29 19.95
CA TYR A 517 7.01 -4.57 20.80
C TYR A 517 7.52 -5.50 21.90
N GLY A 518 8.78 -5.29 22.29
CA GLY A 518 9.39 -6.10 23.31
C GLY A 518 10.90 -5.94 23.32
N PRO A 519 11.58 -6.61 24.25
CA PRO A 519 13.03 -6.48 24.31
C PRO A 519 13.68 -7.07 23.08
N PRO A 520 14.87 -6.59 22.72
CA PRO A 520 15.49 -7.03 21.46
C PRO A 520 15.91 -8.49 21.50
N GLY A 521 15.89 -9.10 20.31
CA GLY A 521 16.40 -10.45 20.15
C GLY A 521 15.48 -11.56 20.61
N CYS A 522 14.22 -11.26 20.87
CA CYS A 522 13.29 -12.27 21.39
C CYS A 522 12.52 -13.00 20.30
N GLY A 523 12.79 -12.71 19.03
CA GLY A 523 12.17 -13.45 17.96
C GLY A 523 11.01 -12.75 17.29
N LYS A 524 11.13 -11.44 17.08
CA LYS A 524 10.06 -10.72 16.39
C LYS A 524 10.07 -11.01 14.90
N THR A 525 11.26 -11.10 14.29
CA THR A 525 11.34 -11.41 12.87
C THR A 525 10.96 -12.86 12.59
N LEU A 526 11.31 -13.76 13.51
CA LEU A 526 11.05 -15.17 13.30
C LEU A 526 9.55 -15.45 13.27
N LEU A 527 8.78 -14.76 14.12
CA LEU A 527 7.34 -14.95 14.11
C LEU A 527 6.73 -14.51 12.79
N ALA A 528 7.18 -13.38 12.26
CA ALA A 528 6.66 -12.92 10.97
C ALA A 528 7.00 -13.89 9.86
N LYS A 529 8.24 -14.38 9.85
CA LYS A 529 8.62 -15.36 8.84
C LYS A 529 7.79 -16.64 8.96
N ALA A 530 7.56 -17.09 10.19
CA ALA A 530 6.80 -18.32 10.39
C ALA A 530 5.37 -18.17 9.94
N ILE A 531 4.74 -17.04 10.27
CA ILE A 531 3.35 -16.85 9.87
C ILE A 531 3.23 -16.67 8.37
N ALA A 532 4.24 -16.06 7.73
CA ALA A 532 4.24 -15.98 6.28
C ALA A 532 4.36 -17.36 5.66
N ASN A 533 5.22 -18.21 6.23
CA ASN A 533 5.39 -19.55 5.69
C ASN A 533 4.15 -20.41 5.87
N GLU A 534 3.48 -20.27 7.03
CA GLU A 534 2.33 -21.13 7.33
C GLU A 534 1.20 -20.91 6.34
N CYS A 535 0.96 -19.66 5.95
CA CYS A 535 -0.07 -19.34 4.98
C CYS A 535 0.39 -19.50 3.54
N GLN A 536 1.65 -19.87 3.32
CA GLN A 536 2.23 -20.02 1.99
C GLN A 536 2.09 -18.72 1.18
N ALA A 537 2.50 -17.62 1.80
CA ALA A 537 2.45 -16.31 1.17
C ALA A 537 3.85 -15.72 1.10
N ASN A 538 4.05 -14.82 0.13
CA ASN A 538 5.34 -14.20 -0.05
C ASN A 538 5.68 -13.30 1.13
N PHE A 539 6.98 -13.12 1.36
CA PHE A 539 7.47 -12.34 2.49
C PHE A 539 8.57 -11.41 2.00
N ILE A 540 8.36 -10.11 2.15
CA ILE A 540 9.35 -9.10 1.81
C ILE A 540 9.65 -8.29 3.06
N SER A 541 10.94 -8.17 3.38
CA SER A 541 11.38 -7.55 4.61
C SER A 541 12.07 -6.22 4.32
N ILE A 542 11.72 -5.20 5.09
CA ILE A 542 12.32 -3.88 4.99
C ILE A 542 13.00 -3.59 6.31
N LYS A 543 14.33 -3.51 6.29
CA LYS A 543 15.08 -3.28 7.51
C LYS A 543 15.12 -1.80 7.86
N GLY A 544 15.63 -1.50 9.06
CA GLY A 544 15.82 -0.14 9.51
C GLY A 544 16.77 0.69 8.67
N PRO A 545 17.92 0.15 8.26
CA PRO A 545 18.81 0.92 7.37
C PRO A 545 18.14 1.38 6.09
N GLU A 546 17.19 0.62 5.55
CA GLU A 546 16.47 1.09 4.35
C GLU A 546 15.69 2.36 4.65
N LEU A 547 14.96 2.37 5.77
CA LEU A 547 14.23 3.57 6.16
C LEU A 547 15.18 4.74 6.43
N LEU A 548 16.31 4.46 7.06
CA LEU A 548 17.27 5.52 7.33
C LEU A 548 17.85 6.09 6.04
N THR A 549 18.12 5.23 5.06
CA THR A 549 18.60 5.73 3.77
C THR A 549 17.55 6.58 3.08
N MET A 550 16.29 6.17 3.15
CA MET A 550 15.23 6.98 2.56
C MET A 550 15.10 8.31 3.28
N TRP A 551 15.30 8.33 4.60
CA TRP A 551 15.16 9.57 5.35
C TRP A 551 16.32 10.52 5.09
N PHE A 552 17.55 10.00 5.09
CA PHE A 552 18.72 10.84 4.85
C PHE A 552 18.73 11.37 3.42
N GLY A 553 18.47 10.52 2.45
CA GLY A 553 18.49 10.93 1.07
C GLY A 553 17.30 11.73 0.61
N GLU A 554 16.31 11.91 1.48
CA GLU A 554 15.08 12.63 1.15
C GLU A 554 14.40 12.04 -0.08
N SER A 555 14.48 10.73 -0.23
CA SER A 555 13.83 10.02 -1.33
C SER A 555 12.84 9.04 -0.71
N GLU A 556 11.64 9.53 -0.40
CA GLU A 556 10.57 8.68 0.10
C GLU A 556 9.66 8.18 -1.00
N ALA A 557 9.96 8.49 -2.26
CA ALA A 557 9.21 7.93 -3.37
C ALA A 557 9.47 6.44 -3.53
N ASN A 558 10.50 5.90 -2.91
CA ASN A 558 10.75 4.46 -2.95
C ASN A 558 9.70 3.67 -2.19
N VAL A 559 8.97 4.31 -1.28
CA VAL A 559 7.88 3.63 -0.58
C VAL A 559 6.82 3.20 -1.57
N ARG A 560 6.56 4.04 -2.58
CA ARG A 560 5.65 3.63 -3.64
C ARG A 560 6.14 2.38 -4.34
N GLU A 561 7.45 2.31 -4.60
CA GLU A 561 8.00 1.12 -5.24
C GLU A 561 7.82 -0.11 -4.36
N ILE A 562 8.06 0.04 -3.06
CA ILE A 562 7.92 -1.08 -2.13
C ILE A 562 6.48 -1.59 -2.12
N PHE A 563 5.52 -0.67 -2.01
CA PHE A 563 4.13 -1.09 -1.97
C PHE A 563 3.66 -1.64 -3.30
N ASP A 564 4.17 -1.11 -4.42
CA ASP A 564 3.84 -1.68 -5.72
C ASP A 564 4.37 -3.11 -5.84
N LYS A 565 5.59 -3.35 -5.38
CA LYS A 565 6.11 -4.71 -5.41
C LYS A 565 5.28 -5.64 -4.53
N ALA A 566 4.89 -5.17 -3.35
CA ALA A 566 4.05 -5.98 -2.48
C ALA A 566 2.71 -6.28 -3.14
N ARG A 567 2.13 -5.29 -3.81
CA ARG A 567 0.87 -5.50 -4.52
C ARG A 567 1.04 -6.53 -5.64
N GLN A 568 2.13 -6.44 -6.39
CA GLN A 568 2.38 -7.39 -7.46
C GLN A 568 2.64 -8.80 -6.95
N ALA A 569 3.16 -8.94 -5.74
CA ALA A 569 3.48 -10.24 -5.16
C ALA A 569 2.41 -10.72 -4.19
N ALA A 570 1.17 -10.29 -4.38
CA ALA A 570 0.10 -10.68 -3.48
C ALA A 570 -0.26 -12.15 -3.68
N PRO A 571 -0.65 -12.87 -2.61
CA PRO A 571 -0.70 -12.43 -1.21
C PRO A 571 0.70 -12.27 -0.63
N CYS A 572 0.90 -11.33 0.29
CA CYS A 572 2.25 -11.04 0.75
C CYS A 572 2.20 -10.51 2.17
N VAL A 573 3.33 -10.63 2.85
CA VAL A 573 3.51 -10.09 4.20
C VAL A 573 4.63 -9.07 4.12
N LEU A 574 4.32 -7.81 4.40
CA LEU A 574 5.30 -6.73 4.36
C LEU A 574 5.73 -6.43 5.78
N PHE A 575 7.02 -6.63 6.06
CA PHE A 575 7.55 -6.54 7.42
C PHE A 575 8.49 -5.34 7.50
N PHE A 576 8.10 -4.35 8.29
CA PHE A 576 8.94 -3.18 8.56
C PHE A 576 9.63 -3.42 9.90
N ASP A 577 10.95 -3.57 9.86
CA ASP A 577 11.73 -3.83 11.06
C ASP A 577 12.19 -2.51 11.67
N GLU A 578 12.19 -2.46 13.00
CA GLU A 578 12.61 -1.30 13.80
C GLU A 578 12.14 0.02 13.19
N LEU A 579 10.81 0.16 13.15
CA LEU A 579 10.19 1.39 12.68
C LEU A 579 10.64 2.59 13.51
N ASP A 580 11.01 2.38 14.76
CA ASP A 580 11.42 3.46 15.64
C ASP A 580 12.75 4.06 15.27
N SER A 581 13.50 3.44 14.35
CA SER A 581 14.86 3.88 14.05
C SER A 581 14.91 5.36 13.72
N ILE A 582 14.05 5.83 12.81
CA ILE A 582 14.03 7.25 12.48
C ILE A 582 13.75 8.08 13.72
N ALA A 583 12.74 7.70 14.50
CA ALA A 583 12.45 8.43 15.73
C ALA A 583 13.63 8.37 16.69
N LYS A 584 14.40 7.28 16.65
CA LYS A 584 15.60 7.20 17.47
C LYS A 584 16.75 8.02 16.91
N ALA A 585 16.78 8.20 15.59
CA ALA A 585 17.86 8.96 14.97
C ALA A 585 17.71 10.45 15.19
N ARG A 586 16.53 10.92 15.59
CA ARG A 586 16.27 12.33 15.83
C ARG A 586 16.44 12.72 17.29
N GLY A 587 17.32 12.03 18.02
CA GLY A 587 17.58 12.30 19.41
C GLY A 587 16.95 11.30 20.37
N GLY A 588 15.96 10.56 19.90
CA GLY A 588 15.31 9.56 20.73
C GLY A 588 14.30 10.20 21.67
N ASN A 589 14.43 9.91 22.96
CA ASN A 589 13.54 10.50 23.95
C ASN A 589 13.71 12.01 24.00
N ILE A 590 14.95 12.49 23.96
CA ILE A 590 15.24 13.92 23.95
C ILE A 590 15.49 14.29 22.49
N GLY A 591 14.44 14.72 21.81
CA GLY A 591 14.52 15.06 20.41
C GLY A 591 15.11 16.43 20.19
N ASP A 592 15.06 16.86 18.93
CA ASP A 592 15.57 18.17 18.52
C ASP A 592 14.55 19.28 18.72
N GLY A 593 13.56 19.07 19.58
CA GLY A 593 12.53 20.06 19.84
C GLY A 593 11.33 19.96 18.92
N GLY A 594 11.38 19.13 17.87
CA GLY A 594 10.26 18.99 16.97
C GLY A 594 9.26 17.96 17.44
N GLY A 595 8.25 17.74 16.62
CA GLY A 595 7.23 16.75 16.90
C GLY A 595 7.63 15.37 16.46
N ALA A 596 6.72 14.42 16.67
CA ALA A 596 6.95 13.03 16.30
C ALA A 596 6.37 12.77 14.92
N ALA A 597 7.07 13.28 13.90
CA ALA A 597 6.65 13.11 12.52
C ALA A 597 7.87 13.27 11.63
N ASP A 598 7.92 12.48 10.55
CA ASP A 598 9.05 12.52 9.63
C ASP A 598 8.55 12.21 8.23
N ARG A 599 9.39 12.53 7.26
CA ARG A 599 9.00 12.44 5.85
C ARG A 599 8.81 11.01 5.37
N VAL A 600 9.29 10.02 6.10
CA VAL A 600 9.20 8.62 5.66
C VAL A 600 8.01 7.91 6.27
N ILE A 601 7.84 8.01 7.59
CA ILE A 601 6.69 7.36 8.22
C ILE A 601 5.40 7.94 7.68
N ASN A 602 5.38 9.25 7.42
CA ASN A 602 4.20 9.86 6.83
C ASN A 602 3.91 9.29 5.45
N GLN A 603 4.96 9.04 4.66
CA GLN A 603 4.76 8.41 3.36
C GLN A 603 4.23 6.99 3.53
N ILE A 604 4.68 6.28 4.55
CA ILE A 604 4.14 4.95 4.83
C ILE A 604 2.65 5.04 5.14
N LEU A 605 2.25 6.03 5.93
CA LEU A 605 0.84 6.22 6.23
C LEU A 605 0.05 6.51 4.96
N THR A 606 0.58 7.38 4.11
CA THR A 606 -0.10 7.71 2.86
C THR A 606 -0.29 6.49 1.98
N GLU A 607 0.74 5.67 1.86
CA GLU A 607 0.62 4.46 1.04
C GLU A 607 -0.32 3.45 1.67
N MET A 608 -0.31 3.33 2.99
CA MET A 608 -1.16 2.35 3.66
C MET A 608 -2.63 2.73 3.55
N ASP A 609 -2.94 4.02 3.66
CA ASP A 609 -4.34 4.44 3.55
C ASP A 609 -4.90 4.15 2.16
N GLY A 610 -4.11 4.39 1.13
CA GLY A 610 -4.54 4.14 -0.23
C GLY A 610 -4.46 2.72 -0.70
N MET A 611 -3.99 1.81 0.15
CA MET A 611 -3.86 0.41 -0.22
C MET A 611 -5.22 -0.28 -0.15
N SER A 612 -5.60 -0.96 -1.23
CA SER A 612 -6.90 -1.62 -1.29
C SER A 612 -6.94 -2.80 -0.32
N THR A 613 -8.00 -2.86 0.48
CA THR A 613 -8.14 -3.93 1.45
C THR A 613 -8.56 -5.25 0.82
N LYS A 614 -9.13 -5.22 -0.38
CA LYS A 614 -9.54 -6.46 -1.04
C LYS A 614 -8.33 -7.34 -1.34
N LYS A 615 -7.25 -6.74 -1.82
CA LYS A 615 -6.03 -7.49 -2.04
C LYS A 615 -5.38 -7.87 -0.71
N ASN A 616 -4.81 -9.06 -0.67
CA ASN A 616 -4.30 -9.64 0.58
C ASN A 616 -2.85 -9.22 0.78
N VAL A 617 -2.66 -8.00 1.27
CA VAL A 617 -1.36 -7.49 1.67
C VAL A 617 -1.44 -7.13 3.14
N PHE A 618 -0.59 -7.75 3.95
CA PHE A 618 -0.60 -7.58 5.39
C PHE A 618 0.72 -6.96 5.83
N ILE A 619 0.64 -5.94 6.67
CA ILE A 619 1.79 -5.16 7.09
C ILE A 619 2.07 -5.43 8.55
N ILE A 620 3.31 -5.79 8.87
CA ILE A 620 3.73 -6.06 10.24
C ILE A 620 4.90 -5.14 10.57
N GLY A 621 4.79 -4.43 11.69
CA GLY A 621 5.85 -3.55 12.14
C GLY A 621 6.42 -4.05 13.47
N ALA A 622 7.72 -3.82 13.65
CA ALA A 622 8.40 -4.27 14.85
C ALA A 622 9.18 -3.11 15.46
N THR A 623 9.24 -3.09 16.79
CA THR A 623 9.96 -2.06 17.51
C THR A 623 10.25 -2.57 18.92
N ASN A 624 11.18 -1.91 19.59
CA ASN A 624 11.48 -2.18 20.99
C ASN A 624 11.32 -0.94 21.86
N ARG A 625 10.82 0.16 21.29
CA ARG A 625 10.56 1.39 22.04
C ARG A 625 9.18 1.90 21.68
N PRO A 626 8.13 1.27 22.22
CA PRO A 626 6.77 1.69 21.86
C PRO A 626 6.44 3.11 22.27
N ASP A 627 7.17 3.69 23.22
CA ASP A 627 6.86 5.05 23.68
C ASP A 627 7.16 6.09 22.61
N ILE A 628 8.21 5.89 21.82
CA ILE A 628 8.65 6.91 20.86
C ILE A 628 8.02 6.70 19.49
N ILE A 629 7.11 5.73 19.36
CA ILE A 629 6.45 5.50 18.08
C ILE A 629 5.45 6.63 17.82
N ASP A 630 5.39 7.09 16.56
CA ASP A 630 4.46 8.11 16.16
C ASP A 630 3.03 7.63 16.41
N PRO A 631 2.22 8.37 17.17
CA PRO A 631 0.85 7.92 17.44
C PRO A 631 -0.01 7.79 16.20
N ALA A 632 0.33 8.48 15.11
CA ALA A 632 -0.45 8.34 13.88
C ALA A 632 -0.42 6.93 13.33
N ILE A 633 0.64 6.16 13.62
CA ILE A 633 0.70 4.78 13.19
C ILE A 633 -0.38 3.96 13.89
N LEU A 634 -0.55 4.17 15.19
CA LEU A 634 -1.47 3.38 16.00
C LEU A 634 -2.94 3.76 15.79
N ARG A 635 -3.22 4.71 14.90
CA ARG A 635 -4.59 5.12 14.67
C ARG A 635 -5.39 3.95 14.09
N PRO A 636 -6.65 3.77 14.50
CA PRO A 636 -7.44 2.66 13.95
C PRO A 636 -7.55 2.77 12.44
N GLY A 637 -7.48 1.61 11.78
CA GLY A 637 -7.51 1.53 10.34
C GLY A 637 -6.14 1.39 9.69
N ARG A 638 -5.06 1.66 10.42
CA ARG A 638 -3.72 1.50 9.90
C ARG A 638 -2.95 0.39 10.62
N LEU A 639 -2.75 0.54 11.93
CA LEU A 639 -2.03 -0.45 12.73
C LEU A 639 -2.64 -0.40 14.13
N ASP A 640 -3.61 -1.27 14.37
CA ASP A 640 -4.39 -1.21 15.61
C ASP A 640 -3.96 -2.24 16.64
N GLN A 641 -3.47 -3.40 16.22
CA GLN A 641 -3.10 -4.44 17.15
C GLN A 641 -1.70 -4.20 17.70
N LEU A 642 -1.56 -4.28 19.02
CA LEU A 642 -0.28 -4.23 19.70
C LEU A 642 -0.04 -5.58 20.36
N ILE A 643 1.10 -6.19 20.06
CA ILE A 643 1.45 -7.49 20.61
C ILE A 643 2.78 -7.39 21.33
N TYR A 644 2.84 -7.88 22.55
CA TYR A 644 4.04 -7.82 23.38
C TYR A 644 4.76 -9.16 23.31
N ILE A 645 6.04 -9.11 22.95
CA ILE A 645 6.85 -10.32 22.86
C ILE A 645 7.82 -10.35 24.03
N PRO A 646 7.55 -11.17 25.04
CA PRO A 646 8.39 -11.18 26.25
C PRO A 646 9.62 -12.06 26.05
N LEU A 647 10.40 -12.18 27.11
CA LEU A 647 11.56 -13.05 27.09
C LEU A 647 11.12 -14.51 27.02
N PRO A 648 11.87 -15.37 26.34
CA PRO A 648 11.44 -16.75 26.16
C PRO A 648 11.38 -17.51 27.48
N ASP A 649 10.52 -18.53 27.50
CA ASP A 649 10.30 -19.35 28.68
C ASP A 649 11.06 -20.68 28.53
N GLU A 650 10.84 -21.59 29.48
CA GLU A 650 11.63 -22.82 29.54
C GLU A 650 11.48 -23.64 28.27
N LYS A 651 10.24 -23.93 27.87
CA LYS A 651 10.02 -24.67 26.64
C LYS A 651 10.56 -23.91 25.44
N SER A 652 10.37 -22.60 25.44
CA SER A 652 10.92 -21.78 24.36
C SER A 652 12.44 -21.89 24.31
N ARG A 653 13.10 -21.84 25.46
CA ARG A 653 14.56 -21.96 25.48
C ARG A 653 15.01 -23.31 24.96
N VAL A 654 14.32 -24.38 25.35
CA VAL A 654 14.68 -25.71 24.85
C VAL A 654 14.51 -25.77 23.35
N ALA A 655 13.42 -25.21 22.83
CA ALA A 655 13.20 -25.21 21.38
C ALA A 655 14.28 -24.42 20.66
N ILE A 656 14.68 -23.28 21.22
CA ILE A 656 15.73 -22.47 20.61
C ILE A 656 17.04 -23.25 20.55
N LEU A 657 17.40 -23.90 21.66
CA LEU A 657 18.63 -24.67 21.68
C LEU A 657 18.60 -25.80 20.67
N LYS A 658 17.48 -26.53 20.59
CA LYS A 658 17.36 -27.61 19.64
C LYS A 658 17.45 -27.10 18.21
N ALA A 659 16.80 -25.97 17.92
CA ALA A 659 16.83 -25.42 16.57
C ALA A 659 18.23 -24.98 16.18
N ASN A 660 18.95 -24.35 17.12
CA ASN A 660 20.30 -23.88 16.81
C ASN A 660 21.28 -25.03 16.65
N LEU A 661 21.11 -26.08 17.44
CA LEU A 661 22.02 -27.23 17.40
C LEU A 661 21.63 -28.27 16.37
N ARG A 662 20.59 -28.03 15.58
CA ARG A 662 20.15 -29.03 14.61
C ARG A 662 21.23 -29.29 13.56
N LYS A 663 21.90 -28.25 13.09
CA LYS A 663 22.87 -28.42 12.01
C LYS A 663 24.17 -29.06 12.48
N SER A 664 24.61 -28.76 13.70
CA SER A 664 25.91 -29.27 14.09
C SER A 664 25.79 -30.53 14.94
N PRO A 665 26.72 -31.46 14.79
CA PRO A 665 26.69 -32.68 15.62
C PRO A 665 26.87 -32.35 17.10
N VAL A 666 26.16 -33.10 17.94
CA VAL A 666 26.28 -32.98 19.39
C VAL A 666 26.36 -34.37 19.99
N ALA A 667 26.92 -34.44 21.20
CA ALA A 667 27.00 -35.70 21.91
C ALA A 667 25.68 -36.02 22.59
N LYS A 668 25.34 -37.30 22.63
CA LYS A 668 24.08 -37.72 23.27
C LYS A 668 24.08 -37.44 24.76
N ASP A 669 25.25 -37.29 25.38
CA ASP A 669 25.33 -37.04 26.81
C ASP A 669 24.95 -35.63 27.21
N VAL A 670 24.80 -34.72 26.24
CA VAL A 670 24.44 -33.34 26.55
C VAL A 670 22.99 -33.29 27.01
N ASP A 671 22.77 -32.61 28.12
CA ASP A 671 21.43 -32.47 28.72
C ASP A 671 20.96 -31.04 28.46
N LEU A 672 20.21 -30.85 27.38
CA LEU A 672 19.72 -29.52 27.04
C LEU A 672 18.69 -29.02 28.04
N GLU A 673 17.93 -29.93 28.66
CA GLU A 673 16.97 -29.50 29.66
C GLU A 673 17.65 -28.84 30.86
N PHE A 674 18.76 -29.43 31.32
CA PHE A 674 19.48 -28.82 32.43
C PHE A 674 20.07 -27.49 32.03
N LEU A 675 20.55 -27.38 30.78
CA LEU A 675 21.08 -26.11 30.31
C LEU A 675 20.00 -25.04 30.29
N ALA A 676 18.79 -25.40 29.85
CA ALA A 676 17.68 -24.46 29.88
C ALA A 676 17.28 -24.09 31.31
N LYS A 677 17.42 -25.04 32.24
CA LYS A 677 17.18 -24.72 33.64
C LYS A 677 18.20 -23.71 34.16
N MET A 678 19.47 -23.90 33.80
CA MET A 678 20.50 -22.95 34.23
C MET A 678 20.21 -21.55 33.70
N THR A 679 19.84 -21.46 32.44
CA THR A 679 19.58 -20.18 31.80
C THR A 679 18.21 -19.66 32.20
N ASN A 680 18.17 -18.48 32.81
CA ASN A 680 16.92 -17.93 33.30
C ASN A 680 16.50 -16.67 32.55
N GLY A 681 17.34 -15.65 32.51
CA GLY A 681 17.00 -14.38 31.92
C GLY A 681 17.56 -14.11 30.54
N PHE A 682 18.07 -15.11 29.84
CA PHE A 682 18.67 -14.86 28.55
C PHE A 682 17.59 -14.61 27.50
N SER A 683 18.01 -14.02 26.39
CA SER A 683 17.15 -13.76 25.25
C SER A 683 17.40 -14.80 24.18
N GLY A 684 16.80 -14.59 23.01
CA GLY A 684 16.99 -15.53 21.92
C GLY A 684 18.35 -15.48 21.27
N ALA A 685 19.15 -14.46 21.56
CA ALA A 685 20.48 -14.34 20.99
C ALA A 685 21.57 -14.90 21.89
N ASP A 686 21.37 -14.89 23.20
CA ASP A 686 22.38 -15.42 24.11
C ASP A 686 22.54 -16.93 23.92
N LEU A 687 21.44 -17.63 23.70
CA LEU A 687 21.53 -19.07 23.47
C LEU A 687 22.29 -19.37 22.18
N THR A 688 22.05 -18.58 21.13
CA THR A 688 22.81 -18.74 19.89
C THR A 688 24.28 -18.47 20.13
N GLU A 689 24.60 -17.46 20.93
CA GLU A 689 25.99 -17.18 21.26
C GLU A 689 26.63 -18.36 21.98
N ILE A 690 25.90 -18.96 22.92
CA ILE A 690 26.44 -20.10 23.67
C ILE A 690 26.72 -21.27 22.73
N CYS A 691 25.77 -21.55 21.82
CA CYS A 691 25.98 -22.64 20.88
C CYS A 691 27.19 -22.38 19.98
N GLN A 692 27.33 -21.14 19.50
CA GLN A 692 28.46 -20.82 18.63
C GLN A 692 29.78 -20.92 19.39
N ARG A 693 29.81 -20.52 20.66
CA ARG A 693 31.03 -20.67 21.45
C ARG A 693 31.39 -22.14 21.61
N ALA A 694 30.40 -22.99 21.87
CA ALA A 694 30.67 -24.42 21.98
C ALA A 694 31.25 -24.96 20.68
N CYS A 695 30.67 -24.55 19.55
CA CYS A 695 31.18 -25.01 18.26
C CYS A 695 32.61 -24.55 18.04
N LYS A 696 32.91 -23.29 18.40
CA LYS A 696 34.27 -22.79 18.23
C LYS A 696 35.26 -23.57 19.07
N LEU A 697 34.89 -23.88 20.32
CA LEU A 697 35.79 -24.67 21.15
C LEU A 697 36.05 -26.04 20.57
N ALA A 698 34.99 -26.68 20.05
CA ALA A 698 35.17 -27.99 19.43
C ALA A 698 36.10 -27.90 18.23
N ILE A 699 35.92 -26.87 17.39
CA ILE A 699 36.75 -26.72 16.21
C ILE A 699 38.21 -26.51 16.60
N ARG A 700 38.45 -25.66 17.61
CA ARG A 700 39.81 -25.40 18.04
C ARG A 700 40.47 -26.68 18.56
N GLU A 701 39.74 -27.46 19.36
CA GLU A 701 40.31 -28.70 19.86
C GLU A 701 40.64 -29.66 18.73
N SER A 702 39.74 -29.77 17.74
CA SER A 702 39.99 -30.66 16.62
C SER A 702 41.24 -30.26 15.85
N ILE A 703 41.38 -28.96 15.54
CA ILE A 703 42.52 -28.52 14.76
C ILE A 703 43.81 -28.70 15.54
N GLU A 704 43.80 -28.38 16.84
CA GLU A 704 45.00 -28.55 17.65
C GLU A 704 45.42 -30.01 17.71
N SER A 705 44.46 -30.92 17.89
CA SER A 705 44.78 -32.34 17.92
C SER A 705 45.34 -32.80 16.58
N GLU A 706 44.76 -32.32 15.48
CA GLU A 706 45.26 -32.71 14.16
C GLU A 706 46.71 -32.26 13.97
N ILE A 707 47.01 -31.00 14.34
CA ILE A 707 48.37 -30.51 14.18
C ILE A 707 49.33 -31.30 15.06
N ARG A 708 48.94 -31.60 16.29
CA ARG A 708 49.82 -32.34 17.19
C ARG A 708 50.10 -33.74 16.65
N ARG A 709 49.05 -34.42 16.16
CA ARG A 709 49.25 -35.75 15.61
C ARG A 709 50.15 -35.72 14.38
N GLU A 710 49.96 -34.74 13.49
CA GLU A 710 50.78 -34.68 12.30
C GLU A 710 52.23 -34.35 12.62
N ARG A 711 52.48 -33.51 13.64
CA ARG A 711 53.85 -33.20 14.00
C ARG A 711 54.51 -34.37 14.74
N GLU A 712 53.74 -35.16 15.48
CA GLU A 712 54.31 -36.34 16.11
C GLU A 712 54.61 -37.43 15.08
N ARG A 713 53.84 -37.50 14.01
CA ARG A 713 54.03 -38.51 12.97
C ARG A 713 55.20 -38.09 12.08
N GLN A 714 56.37 -38.65 12.34
CA GLN A 714 57.56 -38.41 11.53
C GLN A 714 58.32 -39.67 11.16
N THR A 715 58.08 -40.79 11.84
CA THR A 715 58.78 -42.03 11.55
C THR A 715 57.81 -43.19 11.36
N ASP A 726 38.61 -39.67 13.91
CA ASP A 726 39.08 -38.40 14.45
C ASP A 726 38.92 -38.36 15.96
N PRO A 727 39.84 -37.65 16.64
CA PRO A 727 39.78 -37.60 18.11
C PRO A 727 38.50 -36.99 18.65
N VAL A 728 37.91 -36.03 17.94
CA VAL A 728 36.70 -35.38 18.41
C VAL A 728 35.69 -35.33 17.26
N PRO A 729 34.72 -36.24 17.22
CA PRO A 729 33.69 -36.18 16.18
C PRO A 729 32.49 -35.34 16.58
N GLU A 730 32.29 -35.15 17.89
CA GLU A 730 31.10 -34.52 18.42
C GLU A 730 31.46 -33.50 19.48
N ILE A 731 30.50 -32.65 19.81
CA ILE A 731 30.66 -31.65 20.86
C ILE A 731 30.17 -32.25 22.18
N ARG A 732 31.06 -32.35 23.16
CA ARG A 732 30.74 -33.04 24.39
C ARG A 732 30.44 -32.03 25.50
N ARG A 733 30.31 -32.54 26.73
CA ARG A 733 29.92 -31.68 27.85
C ARG A 733 30.97 -30.62 28.16
N ASP A 734 32.25 -30.95 27.96
CA ASP A 734 33.31 -30.03 28.34
C ASP A 734 33.20 -28.72 27.57
N HIS A 735 32.89 -28.80 26.27
CA HIS A 735 32.81 -27.59 25.46
C HIS A 735 31.68 -26.69 25.94
N PHE A 736 30.53 -27.26 26.27
CA PHE A 736 29.43 -26.43 26.77
C PHE A 736 29.74 -25.88 28.16
N GLU A 737 30.42 -26.66 28.99
CA GLU A 737 30.82 -26.16 30.30
C GLU A 737 31.73 -24.95 30.17
N GLU A 738 32.70 -25.01 29.25
CA GLU A 738 33.59 -23.88 29.04
C GLU A 738 32.83 -22.70 28.41
N ALA A 739 31.91 -22.98 27.49
CA ALA A 739 31.17 -21.91 26.84
C ALA A 739 30.30 -21.15 27.82
N MET A 740 29.68 -21.86 28.76
CA MET A 740 28.82 -21.20 29.75
C MET A 740 29.60 -20.28 30.67
N ARG A 741 30.92 -20.39 30.71
CA ARG A 741 31.71 -19.47 31.53
C ARG A 741 31.78 -18.07 30.93
N PHE A 742 31.32 -17.88 29.70
CA PHE A 742 31.34 -16.59 29.04
C PHE A 742 29.95 -16.06 28.72
N ALA A 743 28.89 -16.76 29.12
CA ALA A 743 27.54 -16.32 28.78
C ALA A 743 27.21 -15.03 29.50
N ARG A 744 26.49 -14.14 28.80
CA ARG A 744 26.12 -12.85 29.35
C ARG A 744 24.66 -12.55 29.01
N ARG A 745 23.94 -11.99 29.96
CA ARG A 745 22.55 -11.58 29.75
C ARG A 745 22.53 -10.33 28.90
N SER A 746 21.86 -10.38 27.75
CA SER A 746 21.79 -9.21 26.89
C SER A 746 20.86 -8.14 27.44
N VAL A 747 19.78 -8.54 28.10
CA VAL A 747 18.79 -7.59 28.63
C VAL A 747 18.78 -7.71 30.14
N SER A 748 19.08 -6.60 30.82
CA SER A 748 19.16 -6.60 32.26
C SER A 748 17.75 -6.58 32.87
N ASP A 749 17.70 -6.84 34.18
CA ASP A 749 16.42 -6.80 34.88
C ASP A 749 15.87 -5.40 35.03
N ASN A 750 16.70 -4.37 34.82
CA ASN A 750 16.26 -2.99 34.89
C ASN A 750 15.75 -2.47 33.54
N ASP A 751 15.75 -3.31 32.51
CA ASP A 751 15.24 -2.91 31.20
C ASP A 751 13.91 -3.55 30.85
N ILE A 752 13.59 -4.72 31.42
CA ILE A 752 12.30 -5.34 31.15
C ILE A 752 11.18 -4.70 31.95
N ARG A 753 11.52 -3.98 33.03
CA ARG A 753 10.48 -3.36 33.85
C ARG A 753 9.68 -2.33 33.06
N LYS A 754 10.33 -1.63 32.12
CA LYS A 754 9.61 -0.68 31.29
C LYS A 754 8.52 -1.37 30.48
N TYR A 755 8.87 -2.46 29.81
CA TYR A 755 7.88 -3.20 29.02
C TYR A 755 6.80 -3.78 29.90
N GLU A 756 7.18 -4.33 31.06
CA GLU A 756 6.18 -4.92 31.95
C GLU A 756 5.19 -3.86 32.42
N MET A 757 5.69 -2.68 32.79
CA MET A 757 4.79 -1.62 33.26
C MET A 757 3.91 -1.10 32.12
N PHE A 758 4.46 -0.99 30.92
CA PHE A 758 3.65 -0.55 29.78
C PHE A 758 2.52 -1.53 29.51
N ALA A 759 2.83 -2.82 29.47
CA ALA A 759 1.81 -3.82 29.24
C ALA A 759 0.79 -3.84 30.38
N GLN A 760 1.24 -3.65 31.62
CA GLN A 760 0.33 -3.61 32.75
C GLN A 760 -0.63 -2.44 32.64
N THR A 761 -0.14 -1.27 32.22
CA THR A 761 -1.03 -0.13 32.03
C THR A 761 -2.02 -0.39 30.92
N LEU A 762 -1.58 -1.00 29.82
CA LEU A 762 -2.50 -1.31 28.73
C LEU A 762 -3.58 -2.28 29.19
N GLN A 763 -3.21 -3.30 29.96
CA GLN A 763 -4.17 -4.31 30.38
C GLN A 763 -5.12 -3.77 31.44
N GLN A 764 -4.62 -2.92 32.34
CA GLN A 764 -5.42 -2.46 33.46
C GLN A 764 -6.51 -1.48 33.03
N SER A 765 -6.34 -0.81 31.89
CA SER A 765 -7.33 0.15 31.42
C SER A 765 -8.62 -0.52 30.94
N ARG A 766 -8.62 -1.84 30.73
CA ARG A 766 -9.80 -2.54 30.24
C ARG A 766 -10.65 -3.00 31.43
N GLY A 767 -11.15 -2.00 32.16
CA GLY A 767 -11.93 -2.27 33.36
C GLY A 767 -13.43 -2.38 33.11
N PHE A 768 -13.82 -3.22 32.16
CA PHE A 768 -15.23 -3.42 31.85
C PHE A 768 -15.53 -4.90 31.70
N GLY A 769 -14.97 -5.73 32.58
CA GLY A 769 -15.15 -7.16 32.54
C GLY A 769 -16.36 -7.68 33.29
N SER A 770 -17.22 -6.81 33.80
CA SER A 770 -18.38 -7.21 34.57
C SER A 770 -19.69 -6.83 33.90
N PHE A 771 -19.68 -6.65 32.58
CA PHE A 771 -20.89 -6.28 31.85
C PHE A 771 -21.71 -7.53 31.55
N ARG A 772 -22.96 -7.54 32.00
CA ARG A 772 -23.87 -8.65 31.75
C ARG A 772 -25.25 -8.09 31.43
N PHE A 773 -25.89 -8.68 30.43
CA PHE A 773 -27.24 -8.25 30.07
C PHE A 773 -28.22 -8.58 31.19
N PRO A 774 -29.29 -7.78 31.33
CA PRO A 774 -30.20 -7.98 32.47
C PRO A 774 -30.90 -9.33 32.48
N SER A 775 -31.00 -10.00 31.33
CA SER A 775 -31.67 -11.30 31.24
C SER A 775 -33.11 -11.23 31.72
N GLU B 200 -22.38 1.98 -36.27
CA GLU B 200 -21.45 2.97 -35.76
C GLU B 200 -21.69 3.27 -34.29
N VAL B 201 -20.81 4.04 -33.68
CA VAL B 201 -20.97 4.41 -32.28
C VAL B 201 -22.12 5.38 -32.13
N GLY B 202 -22.88 5.21 -31.04
CA GLY B 202 -24.04 6.03 -30.77
C GLY B 202 -23.94 6.72 -29.43
N TYR B 203 -24.95 7.54 -29.16
CA TYR B 203 -24.99 8.29 -27.90
C TYR B 203 -25.20 7.37 -26.70
N ASP B 204 -25.96 6.29 -26.89
CA ASP B 204 -26.26 5.37 -25.80
C ASP B 204 -25.06 4.55 -25.35
N ASP B 205 -23.97 4.54 -26.12
CA ASP B 205 -22.80 3.75 -25.74
C ASP B 205 -22.00 4.40 -24.61
N ILE B 206 -22.19 5.70 -24.37
CA ILE B 206 -21.45 6.36 -23.31
C ILE B 206 -21.99 5.92 -21.96
N GLY B 207 -21.12 5.83 -20.97
CA GLY B 207 -21.49 5.29 -19.68
C GLY B 207 -21.59 6.29 -18.55
N GLY B 208 -20.54 6.35 -17.72
CA GLY B 208 -20.64 7.08 -16.46
C GLY B 208 -20.83 8.57 -16.66
N CYS B 209 -20.07 9.18 -17.56
CA CYS B 209 -20.10 10.62 -17.75
C CYS B 209 -21.42 11.01 -18.40
N ARG B 210 -22.35 11.51 -17.60
CA ARG B 210 -23.65 11.98 -18.08
C ARG B 210 -23.74 13.49 -18.14
N LYS B 211 -23.30 14.19 -17.10
CA LYS B 211 -23.29 15.64 -17.12
C LYS B 211 -22.37 16.17 -18.21
N GLN B 212 -21.20 15.55 -18.36
CA GLN B 212 -20.26 15.99 -19.39
C GLN B 212 -20.85 15.83 -20.78
N LEU B 213 -21.56 14.73 -21.02
CA LEU B 213 -22.21 14.55 -22.30
C LEU B 213 -23.26 15.62 -22.53
N ALA B 214 -24.00 16.00 -21.48
CA ALA B 214 -24.98 17.07 -21.62
C ALA B 214 -24.30 18.38 -21.98
N GLN B 215 -23.17 18.69 -21.33
CA GLN B 215 -22.46 19.93 -21.64
C GLN B 215 -21.96 19.93 -23.08
N ILE B 216 -21.37 18.82 -23.51
CA ILE B 216 -20.84 18.76 -24.87
C ILE B 216 -21.97 18.86 -25.89
N LYS B 217 -23.10 18.21 -25.62
CA LYS B 217 -24.24 18.34 -26.52
C LYS B 217 -24.71 19.79 -26.61
N GLU B 218 -24.89 20.44 -25.46
CA GLU B 218 -25.37 21.82 -25.48
C GLU B 218 -24.37 22.75 -26.14
N MET B 219 -23.09 22.37 -26.15
CA MET B 219 -22.08 23.24 -26.76
C MET B 219 -21.92 22.99 -28.25
N VAL B 220 -22.21 21.79 -28.74
CA VAL B 220 -21.88 21.43 -30.10
C VAL B 220 -23.10 21.25 -31.00
N GLU B 221 -24.25 20.83 -30.47
CA GLU B 221 -25.39 20.49 -31.32
C GLU B 221 -25.92 21.71 -32.07
N LEU B 222 -26.03 22.85 -31.39
CA LEU B 222 -26.65 24.02 -32.02
C LEU B 222 -25.88 24.50 -33.25
N PRO B 223 -24.56 24.75 -33.19
CA PRO B 223 -23.87 25.19 -34.41
C PRO B 223 -23.89 24.18 -35.54
N LEU B 224 -23.89 22.89 -35.22
CA LEU B 224 -23.82 21.88 -36.28
C LEU B 224 -25.19 21.59 -36.88
N ARG B 225 -26.21 21.43 -36.05
CA ARG B 225 -27.52 21.07 -36.58
C ARG B 225 -28.16 22.24 -37.33
N HIS B 226 -27.83 23.47 -36.98
CA HIS B 226 -28.39 24.66 -37.62
C HIS B 226 -27.27 25.61 -38.00
N PRO B 227 -26.48 25.25 -39.02
CA PRO B 227 -25.40 26.16 -39.44
C PRO B 227 -25.91 27.50 -39.93
N ALA B 228 -27.06 27.51 -40.61
CA ALA B 228 -27.59 28.77 -41.14
C ALA B 228 -27.97 29.72 -40.01
N LEU B 229 -28.57 29.20 -38.93
CA LEU B 229 -28.98 30.05 -37.83
C LEU B 229 -27.79 30.77 -37.22
N PHE B 230 -26.70 30.05 -36.98
CA PHE B 230 -25.53 30.69 -36.38
C PHE B 230 -24.78 31.56 -37.38
N LYS B 231 -24.76 31.19 -38.65
CA LYS B 231 -24.11 32.04 -39.65
C LYS B 231 -24.84 33.37 -39.79
N ALA B 232 -26.17 33.35 -39.77
CA ALA B 232 -26.94 34.59 -39.90
C ALA B 232 -26.81 35.44 -38.63
N ILE B 233 -26.95 34.82 -37.47
CA ILE B 233 -26.90 35.56 -36.21
C ILE B 233 -25.45 35.93 -35.90
N GLY B 234 -25.28 36.99 -35.11
CA GLY B 234 -23.97 37.48 -34.77
C GLY B 234 -23.43 36.95 -33.45
N VAL B 235 -23.54 35.64 -33.24
CA VAL B 235 -23.06 34.99 -32.03
C VAL B 235 -21.93 34.05 -32.40
N LYS B 236 -20.83 34.13 -31.68
CA LYS B 236 -19.66 33.30 -31.99
C LYS B 236 -19.86 31.90 -31.45
N PRO B 237 -19.86 30.86 -32.29
CA PRO B 237 -19.87 29.50 -31.80
C PRO B 237 -18.51 29.12 -31.23
N PRO B 238 -18.45 28.15 -30.33
CA PRO B 238 -17.14 27.71 -29.83
C PRO B 238 -16.30 27.11 -30.95
N ARG B 239 -15.00 27.37 -30.89
CA ARG B 239 -14.07 26.88 -31.90
C ARG B 239 -13.13 25.80 -31.38
N GLY B 240 -12.89 25.73 -30.08
CA GLY B 240 -12.02 24.71 -29.53
C GLY B 240 -12.52 24.16 -28.22
N ILE B 241 -12.52 22.83 -28.09
CA ILE B 241 -12.99 22.17 -26.88
C ILE B 241 -11.88 21.24 -26.41
N LEU B 242 -11.55 21.32 -25.12
CA LEU B 242 -10.48 20.54 -24.54
C LEU B 242 -11.05 19.60 -23.48
N LEU B 243 -10.69 18.32 -23.56
CA LEU B 243 -11.23 17.30 -22.67
C LEU B 243 -10.12 16.79 -21.76
N TYR B 244 -10.36 16.87 -20.45
CA TYR B 244 -9.40 16.42 -19.46
C TYR B 244 -9.66 14.96 -19.10
N GLY B 245 -9.01 14.48 -18.03
CA GLY B 245 -9.25 13.16 -17.53
C GLY B 245 -8.10 12.21 -17.78
N PRO B 246 -7.95 11.24 -16.89
CA PRO B 246 -6.87 10.26 -17.05
C PRO B 246 -7.14 9.35 -18.24
N PRO B 247 -6.12 8.67 -18.76
CA PRO B 247 -6.31 7.83 -19.93
C PRO B 247 -7.30 6.71 -19.67
N GLY B 248 -8.04 6.34 -20.70
CA GLY B 248 -9.01 5.28 -20.61
C GLY B 248 -10.38 5.70 -20.16
N THR B 249 -10.56 6.97 -19.76
CA THR B 249 -11.86 7.43 -19.32
C THR B 249 -12.88 7.44 -20.45
N GLY B 250 -12.41 7.55 -21.69
CA GLY B 250 -13.28 7.59 -22.84
C GLY B 250 -13.42 9.02 -23.33
N LYS B 251 -12.67 9.38 -24.34
CA LYS B 251 -12.75 10.73 -24.91
C LYS B 251 -12.85 10.69 -26.42
N THR B 252 -12.14 9.79 -27.08
CA THR B 252 -12.38 9.56 -28.50
C THR B 252 -13.79 9.04 -28.71
N LEU B 253 -14.26 8.20 -27.78
CA LEU B 253 -15.62 7.67 -27.85
C LEU B 253 -16.65 8.79 -27.84
N ILE B 254 -16.47 9.76 -26.93
CA ILE B 254 -17.45 10.83 -26.80
C ILE B 254 -17.49 11.69 -28.06
N ALA B 255 -16.33 12.06 -28.58
CA ALA B 255 -16.30 12.87 -29.80
C ALA B 255 -16.90 12.12 -30.98
N ARG B 256 -16.57 10.83 -31.11
CA ARG B 256 -17.14 10.04 -32.20
C ARG B 256 -18.66 9.97 -32.07
N ALA B 257 -19.15 9.76 -30.86
CA ALA B 257 -20.60 9.68 -30.65
C ALA B 257 -21.28 11.00 -30.98
N VAL B 258 -20.69 12.12 -30.55
CA VAL B 258 -21.29 13.42 -30.84
C VAL B 258 -21.31 13.67 -32.35
N ALA B 259 -20.21 13.36 -33.03
CA ALA B 259 -20.18 13.55 -34.47
C ALA B 259 -21.21 12.70 -35.19
N ASN B 260 -21.35 11.43 -34.77
CA ASN B 260 -22.32 10.55 -35.42
C ASN B 260 -23.75 11.02 -35.15
N GLU B 261 -24.06 11.39 -33.91
CA GLU B 261 -25.42 11.82 -33.58
C GLU B 261 -25.78 13.10 -34.31
N THR B 262 -24.84 14.05 -34.38
CA THR B 262 -25.12 15.32 -35.05
C THR B 262 -25.06 15.21 -36.58
N GLY B 263 -24.61 14.08 -37.11
CA GLY B 263 -24.52 13.93 -38.56
C GLY B 263 -23.53 14.87 -39.20
N ALA B 264 -22.37 15.06 -38.57
CA ALA B 264 -21.35 15.95 -39.08
C ALA B 264 -20.10 15.16 -39.43
N PHE B 265 -19.36 15.65 -40.43
CA PHE B 265 -18.12 14.99 -40.83
C PHE B 265 -17.13 14.96 -39.67
N PHE B 266 -16.53 13.81 -39.44
CA PHE B 266 -15.59 13.62 -38.34
C PHE B 266 -14.22 13.28 -38.91
N PHE B 267 -13.23 14.12 -38.62
CA PHE B 267 -11.86 13.90 -39.04
C PHE B 267 -11.00 13.71 -37.81
N LEU B 268 -10.25 12.61 -37.78
CA LEU B 268 -9.46 12.23 -36.61
C LEU B 268 -7.99 12.51 -36.87
N ILE B 269 -7.34 13.17 -35.92
CA ILE B 269 -5.91 13.45 -35.98
C ILE B 269 -5.26 12.85 -34.74
N ASN B 270 -4.27 11.99 -34.95
CA ASN B 270 -3.54 11.37 -33.86
C ASN B 270 -2.23 12.13 -33.65
N GLY B 271 -1.93 12.45 -32.40
CA GLY B 271 -0.71 13.11 -32.06
C GLY B 271 0.51 12.36 -32.55
N PRO B 272 0.71 11.14 -32.05
CA PRO B 272 1.88 10.35 -32.49
C PRO B 272 1.91 10.11 -33.99
N GLU B 273 0.77 9.94 -34.64
CA GLU B 273 0.76 9.72 -36.07
C GLU B 273 1.30 10.93 -36.81
N ILE B 274 0.90 12.14 -36.40
CA ILE B 274 1.39 13.34 -37.05
C ILE B 274 2.85 13.58 -36.70
N MET B 275 3.28 13.20 -35.49
CA MET B 275 4.65 13.45 -35.07
C MET B 275 5.62 12.41 -35.62
N SER B 276 5.14 11.30 -36.17
CA SER B 276 6.02 10.29 -36.73
C SER B 276 6.51 10.63 -38.13
N LYS B 277 5.87 11.59 -38.79
CA LYS B 277 6.25 11.92 -40.16
C LYS B 277 7.56 12.70 -40.18
N LEU B 278 8.11 12.85 -41.38
CA LEU B 278 9.34 13.61 -41.55
C LEU B 278 9.08 15.10 -41.33
N ALA B 279 10.16 15.84 -41.11
CA ALA B 279 10.05 17.28 -40.95
C ALA B 279 9.47 17.91 -42.21
N GLY B 280 8.51 18.79 -42.03
CA GLY B 280 7.81 19.42 -43.13
C GLY B 280 6.60 18.65 -43.61
N GLU B 281 6.70 17.32 -43.66
CA GLU B 281 5.56 16.51 -44.05
C GLU B 281 4.47 16.55 -42.99
N SER B 282 4.84 16.71 -41.72
CA SER B 282 3.84 16.82 -40.66
C SER B 282 2.98 18.06 -40.85
N GLU B 283 3.61 19.19 -41.19
CA GLU B 283 2.86 20.40 -41.45
C GLU B 283 1.93 20.23 -42.65
N SER B 284 2.41 19.55 -43.69
CA SER B 284 1.56 19.29 -44.85
C SER B 284 0.35 18.45 -44.46
N ASN B 285 0.57 17.43 -43.63
CA ASN B 285 -0.55 16.60 -43.18
C ASN B 285 -1.55 17.42 -42.39
N LEU B 286 -1.06 18.28 -41.48
CA LEU B 286 -1.96 19.10 -40.68
C LEU B 286 -2.77 20.05 -41.57
N ARG B 287 -2.11 20.70 -42.52
CA ARG B 287 -2.80 21.61 -43.42
C ARG B 287 -3.83 20.86 -44.27
N LYS B 288 -3.49 19.69 -44.78
CA LYS B 288 -4.43 18.92 -45.57
C LYS B 288 -5.63 18.49 -44.73
N ALA B 289 -5.39 18.08 -43.49
CA ALA B 289 -6.50 17.70 -42.62
C ALA B 289 -7.44 18.86 -42.38
N PHE B 290 -6.89 20.03 -42.05
CA PHE B 290 -7.74 21.19 -41.82
C PHE B 290 -8.50 21.60 -43.08
N GLU B 291 -7.83 21.56 -44.23
CA GLU B 291 -8.50 21.93 -45.48
C GLU B 291 -9.62 20.96 -45.82
N GLU B 292 -9.39 19.66 -45.66
CA GLU B 292 -10.43 18.68 -45.94
C GLU B 292 -11.61 18.85 -45.00
N ALA B 293 -11.33 19.09 -43.71
CA ALA B 293 -12.42 19.32 -42.76
C ALA B 293 -13.21 20.57 -43.13
N GLU B 294 -12.52 21.62 -43.58
CA GLU B 294 -13.21 22.83 -44.02
C GLU B 294 -14.09 22.55 -45.23
N LYS B 295 -13.60 21.71 -46.15
CA LYS B 295 -14.36 21.42 -47.36
C LYS B 295 -15.69 20.72 -47.04
N ASN B 296 -15.66 19.75 -46.13
CA ASN B 296 -16.86 18.97 -45.80
C ASN B 296 -17.59 19.57 -44.60
N ALA B 297 -17.98 20.83 -44.74
CA ALA B 297 -18.68 21.52 -43.67
C ALA B 297 -20.10 20.98 -43.54
N PRO B 298 -20.63 20.88 -42.31
CA PRO B 298 -19.97 21.12 -41.03
C PRO B 298 -19.06 19.96 -40.68
N ALA B 299 -18.02 20.18 -39.86
CA ALA B 299 -17.08 19.11 -39.57
C ALA B 299 -16.55 19.28 -38.16
N ILE B 300 -16.05 18.17 -37.61
CA ILE B 300 -15.41 18.16 -36.30
C ILE B 300 -14.03 17.56 -36.46
N ILE B 301 -13.02 18.24 -35.94
CA ILE B 301 -11.64 17.77 -35.94
C ILE B 301 -11.30 17.36 -34.52
N PHE B 302 -10.86 16.12 -34.34
CA PHE B 302 -10.47 15.62 -33.04
C PHE B 302 -8.98 15.36 -33.03
N ILE B 303 -8.29 15.98 -32.09
CA ILE B 303 -6.85 15.79 -31.91
C ILE B 303 -6.66 14.91 -30.68
N ASP B 304 -6.29 13.66 -30.90
CA ASP B 304 -6.28 12.66 -29.83
C ASP B 304 -5.30 13.01 -28.72
N GLU B 305 -4.01 13.06 -29.03
CA GLU B 305 -2.97 13.32 -28.04
C GLU B 305 -2.46 14.73 -28.25
N LEU B 306 -3.17 15.70 -27.68
CA LEU B 306 -2.74 17.09 -27.82
C LEU B 306 -1.41 17.33 -27.14
N ASP B 307 -1.21 16.75 -25.95
CA ASP B 307 0.04 16.95 -25.23
C ASP B 307 1.22 16.33 -25.97
N ALA B 308 0.98 15.41 -26.91
CA ALA B 308 2.07 14.90 -27.73
C ALA B 308 2.52 15.94 -28.75
N ILE B 309 1.57 16.60 -29.41
CA ILE B 309 1.93 17.60 -30.41
C ILE B 309 2.50 18.85 -29.75
N ALA B 310 1.85 19.33 -28.70
CA ALA B 310 2.21 20.59 -28.06
C ALA B 310 2.34 20.39 -26.55
N PRO B 311 3.45 19.80 -26.11
CA PRO B 311 3.66 19.62 -24.67
C PRO B 311 4.07 20.93 -24.00
N LYS B 312 4.45 20.85 -22.73
CA LYS B 312 4.93 22.03 -22.02
C LYS B 312 6.16 22.60 -22.72
N ARG B 313 6.32 23.93 -22.60
CA ARG B 313 7.36 24.61 -23.37
C ARG B 313 8.75 24.12 -23.00
N GLU B 314 9.02 23.92 -21.71
CA GLU B 314 10.33 23.43 -21.31
C GLU B 314 10.56 21.99 -21.74
N LYS B 315 9.49 21.20 -21.84
CA LYS B 315 9.64 19.79 -22.24
C LYS B 315 10.14 19.68 -23.68
N THR B 316 9.62 20.51 -24.57
CA THR B 316 10.04 20.47 -25.97
C THR B 316 11.32 21.26 -26.15
N HIS B 317 12.28 20.69 -26.89
CA HIS B 317 13.57 21.33 -27.12
C HIS B 317 13.89 21.55 -28.58
N GLY B 318 13.57 20.59 -29.45
CA GLY B 318 13.87 20.75 -30.86
C GLY B 318 13.06 21.85 -31.49
N GLU B 319 13.63 22.47 -32.52
CA GLU B 319 12.93 23.53 -33.24
C GLU B 319 11.82 23.01 -34.14
N VAL B 320 11.91 21.75 -34.58
CA VAL B 320 10.83 21.19 -35.40
C VAL B 320 9.56 21.05 -34.58
N GLU B 321 9.69 20.68 -33.30
CA GLU B 321 8.52 20.58 -32.43
C GLU B 321 7.85 21.93 -32.24
N ARG B 322 8.65 22.97 -32.00
CA ARG B 322 8.08 24.30 -31.87
C ARG B 322 7.47 24.78 -33.17
N ARG B 323 8.06 24.39 -34.31
CA ARG B 323 7.46 24.73 -35.60
C ARG B 323 6.10 24.06 -35.76
N ILE B 324 5.99 22.81 -35.33
CA ILE B 324 4.71 22.12 -35.41
C ILE B 324 3.68 22.80 -34.53
N VAL B 325 4.08 23.19 -33.31
CA VAL B 325 3.15 23.85 -32.41
C VAL B 325 2.68 25.18 -33.00
N SER B 326 3.61 25.95 -33.57
CA SER B 326 3.25 27.22 -34.18
C SER B 326 2.33 27.02 -35.38
N GLN B 327 2.57 25.97 -36.18
CA GLN B 327 1.68 25.67 -37.29
C GLN B 327 0.28 25.34 -36.77
N LEU B 328 0.18 24.58 -35.68
CA LEU B 328 -1.12 24.30 -35.10
C LEU B 328 -1.81 25.57 -34.63
N LEU B 329 -1.06 26.46 -33.99
CA LEU B 329 -1.65 27.72 -33.52
C LEU B 329 -2.15 28.55 -34.70
N THR B 330 -1.37 28.62 -35.77
CA THR B 330 -1.79 29.37 -36.95
C THR B 330 -3.05 28.79 -37.56
N LEU B 331 -3.10 27.46 -37.69
CA LEU B 331 -4.28 26.82 -38.26
C LEU B 331 -5.51 27.07 -37.38
N MET B 332 -5.34 26.99 -36.07
CA MET B 332 -6.47 27.23 -35.17
C MET B 332 -6.95 28.67 -35.23
N ASP B 333 -6.03 29.63 -35.32
CA ASP B 333 -6.40 31.03 -35.46
C ASP B 333 -6.97 31.35 -36.84
N GLY B 334 -6.73 30.50 -37.83
CA GLY B 334 -7.30 30.68 -39.15
C GLY B 334 -8.71 30.18 -39.32
N LEU B 335 -9.40 29.85 -38.23
CA LEU B 335 -10.77 29.35 -38.29
C LEU B 335 -11.80 30.47 -38.27
N LYS B 336 -11.38 31.74 -38.26
CA LYS B 336 -12.33 32.84 -38.26
C LYS B 336 -13.14 32.93 -39.54
N GLN B 337 -12.74 32.21 -40.59
CA GLN B 337 -13.55 32.17 -41.81
C GLN B 337 -14.91 31.52 -41.58
N ARG B 338 -15.06 30.79 -40.47
CA ARG B 338 -16.35 30.21 -40.05
C ARG B 338 -16.91 29.28 -41.12
N ALA B 339 -16.18 28.20 -41.38
CA ALA B 339 -16.69 27.10 -42.18
C ALA B 339 -17.41 26.05 -41.33
N HIS B 340 -17.92 26.45 -40.17
CA HIS B 340 -18.64 25.55 -39.27
C HIS B 340 -17.77 24.36 -38.87
N VAL B 341 -16.48 24.63 -38.63
CA VAL B 341 -15.53 23.61 -38.23
C VAL B 341 -15.24 23.80 -36.74
N ILE B 342 -15.37 22.73 -35.97
CA ILE B 342 -15.12 22.74 -34.54
C ILE B 342 -13.99 21.78 -34.24
N VAL B 343 -12.99 22.24 -33.51
CA VAL B 343 -11.81 21.45 -33.17
C VAL B 343 -11.93 20.99 -31.73
N MET B 344 -11.76 19.70 -31.50
CA MET B 344 -11.79 19.11 -30.17
C MET B 344 -10.46 18.43 -29.90
N ALA B 345 -9.99 18.52 -28.66
CA ALA B 345 -8.71 17.94 -28.29
C ALA B 345 -8.86 17.20 -26.97
N ALA B 346 -7.95 16.26 -26.74
CA ALA B 346 -7.95 15.46 -25.53
C ALA B 346 -6.56 15.46 -24.91
N THR B 347 -6.53 15.44 -23.59
CA THR B 347 -5.27 15.43 -22.85
C THR B 347 -5.53 14.84 -21.47
N ASN B 348 -4.52 14.89 -20.61
CA ASN B 348 -4.61 14.34 -19.26
C ASN B 348 -4.69 15.42 -18.19
N ARG B 349 -3.85 16.43 -18.26
CA ARG B 349 -3.79 17.47 -17.24
C ARG B 349 -3.91 18.83 -17.91
N PRO B 350 -4.47 19.82 -17.20
CA PRO B 350 -4.49 21.18 -17.74
C PRO B 350 -3.11 21.74 -18.00
N ASN B 351 -2.14 21.40 -17.16
CA ASN B 351 -0.79 21.96 -17.24
C ASN B 351 0.11 21.22 -18.21
N SER B 352 -0.30 20.05 -18.68
CA SER B 352 0.53 19.33 -19.65
C SER B 352 0.49 19.95 -21.04
N ILE B 353 -0.44 20.86 -21.28
CA ILE B 353 -0.59 21.51 -22.57
C ILE B 353 0.17 22.83 -22.56
N ASP B 354 0.67 23.22 -23.72
CA ASP B 354 1.29 24.53 -23.86
C ASP B 354 0.28 25.61 -23.50
N PRO B 355 0.61 26.54 -22.60
CA PRO B 355 -0.35 27.57 -22.21
C PRO B 355 -0.80 28.46 -23.35
N ALA B 356 -0.02 28.55 -24.43
CA ALA B 356 -0.45 29.32 -25.59
C ALA B 356 -1.65 28.71 -26.28
N LEU B 357 -1.93 27.43 -26.03
CA LEU B 357 -3.08 26.77 -26.62
C LEU B 357 -4.37 27.02 -25.86
N ARG B 358 -4.29 27.54 -24.63
CA ARG B 358 -5.48 27.86 -23.85
C ARG B 358 -5.89 29.32 -24.01
N ARG B 359 -5.25 30.04 -24.92
CA ARG B 359 -5.60 31.42 -25.21
C ARG B 359 -7.02 31.49 -25.77
N PHE B 360 -7.64 32.66 -25.63
CA PHE B 360 -8.96 32.87 -26.19
C PHE B 360 -8.90 32.78 -27.71
N GLY B 361 -9.96 32.21 -28.29
CA GLY B 361 -10.00 31.95 -29.71
C GLY B 361 -9.39 30.62 -30.12
N ARG B 362 -8.86 29.85 -29.18
CA ARG B 362 -8.30 28.54 -29.49
C ARG B 362 -8.38 27.68 -28.23
N PHE B 363 -9.20 26.65 -28.27
CA PHE B 363 -9.41 25.76 -27.12
C PHE B 363 -9.82 26.56 -25.88
N ASP B 364 -10.67 27.57 -26.09
CA ASP B 364 -11.17 28.36 -24.98
C ASP B 364 -12.07 27.54 -24.07
N ARG B 365 -12.92 26.70 -24.64
CA ARG B 365 -13.84 25.90 -23.86
C ARG B 365 -13.10 24.78 -23.14
N GLU B 366 -13.79 24.12 -22.22
CA GLU B 366 -13.14 23.12 -21.38
C GLU B 366 -14.19 22.21 -20.76
N VAL B 367 -14.01 20.91 -20.92
CA VAL B 367 -14.87 19.90 -20.31
C VAL B 367 -13.98 18.87 -19.63
N ASP B 368 -14.26 18.59 -18.37
CA ASP B 368 -13.46 17.67 -17.57
C ASP B 368 -14.23 16.38 -17.34
N ILE B 369 -13.65 15.26 -17.75
CA ILE B 369 -14.26 13.95 -17.60
C ILE B 369 -13.48 13.20 -16.55
N GLY B 370 -14.13 12.86 -15.44
CA GLY B 370 -13.47 12.29 -14.29
C GLY B 370 -13.71 10.79 -14.14
N ILE B 371 -13.31 10.29 -12.98
CA ILE B 371 -13.49 8.87 -12.66
C ILE B 371 -14.98 8.58 -12.47
N PRO B 372 -15.50 7.49 -13.02
CA PRO B 372 -16.93 7.17 -12.82
C PRO B 372 -17.22 6.87 -11.37
N ASP B 373 -18.45 7.18 -10.96
CA ASP B 373 -18.93 6.89 -9.62
C ASP B 373 -19.49 5.48 -9.59
N ALA B 374 -20.18 5.13 -8.49
CA ALA B 374 -20.75 3.79 -8.37
C ALA B 374 -21.82 3.55 -9.43
N THR B 375 -22.76 4.49 -9.56
CA THR B 375 -23.79 4.35 -10.58
C THR B 375 -23.19 4.38 -11.98
N GLY B 376 -22.18 5.23 -12.19
CA GLY B 376 -21.51 5.25 -13.48
C GLY B 376 -20.83 3.94 -13.80
N ARG B 377 -20.15 3.35 -12.81
CA ARG B 377 -19.51 2.06 -13.04
C ARG B 377 -20.54 0.98 -13.32
N LEU B 378 -21.67 1.01 -12.63
CA LEU B 378 -22.74 0.06 -12.91
C LEU B 378 -23.24 0.21 -14.34
N GLU B 379 -23.42 1.46 -14.79
CA GLU B 379 -23.87 1.69 -16.16
C GLU B 379 -22.85 1.20 -17.17
N ILE B 380 -21.57 1.43 -16.90
CA ILE B 380 -20.52 0.96 -17.81
C ILE B 380 -20.53 -0.56 -17.88
N LEU B 381 -20.66 -1.24 -16.73
CA LEU B 381 -20.71 -2.69 -16.73
C LEU B 381 -21.91 -3.20 -17.51
N GLN B 382 -23.08 -2.56 -17.32
CA GLN B 382 -24.26 -2.97 -18.07
C GLN B 382 -24.05 -2.80 -19.56
N ILE B 383 -23.41 -1.70 -19.97
CA ILE B 383 -23.14 -1.47 -21.38
C ILE B 383 -22.21 -2.53 -21.94
N HIS B 384 -21.15 -2.86 -21.21
CA HIS B 384 -20.15 -3.78 -21.74
C HIS B 384 -20.62 -5.23 -21.70
N THR B 385 -21.58 -5.56 -20.85
CA THR B 385 -22.08 -6.93 -20.74
C THR B 385 -23.36 -7.16 -21.52
N LYS B 386 -23.74 -6.25 -22.41
CA LYS B 386 -24.96 -6.42 -23.17
C LYS B 386 -24.90 -7.65 -24.07
N ASN B 387 -23.80 -7.81 -24.80
CA ASN B 387 -23.70 -8.93 -25.73
C ASN B 387 -23.48 -10.24 -24.98
N MET B 388 -22.88 -10.20 -23.80
CA MET B 388 -22.63 -11.40 -23.03
C MET B 388 -23.91 -11.88 -22.36
N LYS B 389 -23.86 -13.12 -21.85
CA LYS B 389 -24.96 -13.71 -21.11
C LYS B 389 -24.48 -14.07 -19.71
N LEU B 390 -25.21 -13.60 -18.70
CA LEU B 390 -24.82 -13.78 -17.31
C LEU B 390 -25.65 -14.90 -16.68
N ALA B 391 -25.34 -15.19 -15.42
CA ALA B 391 -26.09 -16.15 -14.63
C ALA B 391 -26.93 -15.42 -13.59
N ASP B 392 -27.88 -16.15 -13.00
CA ASP B 392 -28.82 -15.53 -12.08
C ASP B 392 -28.14 -15.00 -10.82
N ASP B 393 -27.02 -15.60 -10.44
CA ASP B 393 -26.32 -15.19 -9.22
C ASP B 393 -25.40 -14.00 -9.44
N VAL B 394 -25.31 -13.48 -10.65
CA VAL B 394 -24.42 -12.36 -10.95
C VAL B 394 -25.24 -11.07 -10.86
N ASP B 395 -24.88 -10.21 -9.92
CA ASP B 395 -25.48 -8.89 -9.78
C ASP B 395 -24.39 -7.86 -10.03
N LEU B 396 -24.54 -7.09 -11.11
CA LEU B 396 -23.53 -6.11 -11.47
C LEU B 396 -23.43 -4.97 -10.46
N GLU B 397 -24.49 -4.75 -9.67
CA GLU B 397 -24.46 -3.67 -8.69
C GLU B 397 -23.41 -3.90 -7.62
N GLN B 398 -23.28 -5.14 -7.14
CA GLN B 398 -22.32 -5.42 -6.07
C GLN B 398 -20.89 -5.25 -6.57
N VAL B 399 -20.57 -5.81 -7.73
CA VAL B 399 -19.22 -5.68 -8.27
C VAL B 399 -18.94 -4.22 -8.63
N ALA B 400 -19.95 -3.49 -9.09
CA ALA B 400 -19.78 -2.06 -9.32
C ALA B 400 -19.44 -1.33 -8.05
N ASN B 401 -20.07 -1.69 -6.93
CA ASN B 401 -19.69 -1.10 -5.65
C ASN B 401 -18.26 -1.45 -5.28
N GLU B 402 -17.86 -2.70 -5.52
CA GLU B 402 -16.53 -3.13 -5.09
C GLU B 402 -15.41 -2.49 -5.89
N THR B 403 -15.60 -2.30 -7.20
CA THR B 403 -14.56 -1.71 -8.04
C THR B 403 -14.42 -0.24 -7.70
N HIS B 404 -13.38 0.09 -6.94
CA HIS B 404 -13.24 1.46 -6.45
C HIS B 404 -12.55 2.36 -7.47
N GLY B 405 -11.31 2.07 -7.81
CA GLY B 405 -10.51 2.99 -8.61
C GLY B 405 -10.36 2.59 -10.06
N HIS B 406 -11.45 2.15 -10.68
CA HIS B 406 -11.41 1.69 -12.07
C HIS B 406 -11.98 2.76 -12.99
N VAL B 407 -11.53 2.73 -14.24
CA VAL B 407 -12.06 3.60 -15.29
C VAL B 407 -12.74 2.73 -16.32
N GLY B 408 -13.32 3.34 -17.35
CA GLY B 408 -14.09 2.57 -18.33
C GLY B 408 -13.27 1.48 -18.99
N ALA B 409 -12.03 1.80 -19.36
CA ALA B 409 -11.15 0.79 -19.94
C ALA B 409 -10.89 -0.34 -18.95
N ASP B 410 -10.71 -0.01 -17.68
CA ASP B 410 -10.51 -1.04 -16.66
C ASP B 410 -11.72 -1.94 -16.53
N LEU B 411 -12.92 -1.36 -16.57
CA LEU B 411 -14.13 -2.19 -16.47
C LEU B 411 -14.29 -3.08 -17.69
N ALA B 412 -13.99 -2.56 -18.89
CA ALA B 412 -14.03 -3.38 -20.08
C ALA B 412 -13.04 -4.54 -19.99
N ALA B 413 -11.83 -4.25 -19.51
CA ALA B 413 -10.85 -5.31 -19.32
C ALA B 413 -11.32 -6.34 -18.30
N LEU B 414 -11.96 -5.89 -17.23
CA LEU B 414 -12.46 -6.81 -16.22
C LEU B 414 -13.52 -7.73 -16.78
N CYS B 415 -14.46 -7.17 -17.55
CA CYS B 415 -15.50 -8.00 -18.15
C CYS B 415 -14.90 -9.00 -19.14
N SER B 416 -13.95 -8.56 -19.95
CA SER B 416 -13.32 -9.47 -20.90
C SER B 416 -12.58 -10.58 -20.19
N GLU B 417 -11.86 -10.24 -19.11
CA GLU B 417 -11.11 -11.26 -18.37
C GLU B 417 -12.04 -12.27 -17.73
N ALA B 418 -13.16 -11.81 -17.14
CA ALA B 418 -14.10 -12.74 -16.55
C ALA B 418 -14.70 -13.67 -17.60
N ALA B 419 -15.10 -13.11 -18.74
CA ALA B 419 -15.67 -13.93 -19.80
C ALA B 419 -14.64 -14.94 -20.31
N LEU B 420 -13.40 -14.51 -20.49
CA LEU B 420 -12.37 -15.42 -20.98
C LEU B 420 -12.06 -16.51 -19.96
N GLN B 421 -12.07 -16.18 -18.67
CA GLN B 421 -11.83 -17.22 -17.67
C GLN B 421 -12.95 -18.25 -17.67
N ALA B 422 -14.20 -17.80 -17.83
CA ALA B 422 -15.30 -18.75 -17.93
C ALA B 422 -15.15 -19.63 -19.17
N ILE B 423 -14.78 -19.02 -20.30
CA ILE B 423 -14.62 -19.78 -21.54
C ILE B 423 -13.50 -20.81 -21.40
N ARG B 424 -12.40 -20.42 -20.76
CA ARG B 424 -11.31 -21.36 -20.53
C ARG B 424 -11.72 -22.48 -19.58
N LYS B 425 -12.50 -22.14 -18.55
CA LYS B 425 -12.95 -23.16 -17.60
C LYS B 425 -13.86 -24.18 -18.27
N LYS B 426 -14.63 -23.75 -19.27
CA LYS B 426 -15.51 -24.68 -19.96
C LYS B 426 -14.84 -25.40 -21.13
N MET B 427 -13.86 -24.78 -21.78
CA MET B 427 -13.32 -25.32 -23.02
C MET B 427 -12.49 -26.57 -22.78
N ASP B 428 -11.67 -26.58 -21.72
CA ASP B 428 -10.84 -27.74 -21.47
C ASP B 428 -11.69 -28.98 -21.21
N LEU B 429 -12.80 -28.81 -20.50
CA LEU B 429 -13.70 -29.93 -20.26
C LEU B 429 -14.45 -30.32 -21.53
N ILE B 430 -14.97 -29.34 -22.28
CA ILE B 430 -15.72 -29.68 -23.48
C ILE B 430 -14.79 -30.10 -24.61
N ASP B 431 -13.53 -29.65 -24.58
CA ASP B 431 -12.52 -29.89 -25.62
C ASP B 431 -13.13 -29.84 -27.02
N LEU B 432 -13.88 -28.77 -27.28
CA LEU B 432 -14.53 -28.57 -28.57
C LEU B 432 -13.62 -27.78 -29.50
N GLU B 433 -12.45 -28.35 -29.76
CA GLU B 433 -11.47 -27.74 -30.67
C GLU B 433 -11.67 -28.34 -32.04
N ASP B 434 -12.48 -27.68 -32.86
CA ASP B 434 -12.76 -28.10 -34.22
C ASP B 434 -12.32 -27.00 -35.19
N GLU B 435 -12.62 -27.20 -36.47
CA GLU B 435 -12.30 -26.19 -37.47
C GLU B 435 -13.05 -24.90 -37.21
N THR B 436 -14.33 -24.99 -36.86
CA THR B 436 -15.17 -23.84 -36.58
C THR B 436 -15.67 -23.92 -35.13
N ILE B 437 -16.56 -23.00 -34.77
CA ILE B 437 -17.14 -22.95 -33.44
C ILE B 437 -18.66 -22.99 -33.57
N ASP B 438 -19.30 -23.79 -32.72
CA ASP B 438 -20.75 -23.94 -32.77
C ASP B 438 -21.43 -22.69 -32.23
N ALA B 439 -22.66 -22.45 -32.71
CA ALA B 439 -23.43 -21.31 -32.23
C ALA B 439 -24.00 -21.55 -30.84
N GLU B 440 -24.50 -22.76 -30.58
CA GLU B 440 -25.19 -23.03 -29.32
C GLU B 440 -24.25 -23.22 -28.14
N VAL B 441 -22.97 -23.53 -28.39
CA VAL B 441 -22.05 -23.75 -27.28
C VAL B 441 -21.81 -22.45 -26.51
N MET B 442 -21.77 -21.32 -27.23
CA MET B 442 -21.65 -20.03 -26.55
C MET B 442 -22.86 -19.75 -25.68
N ASN B 443 -24.06 -20.04 -26.20
CA ASN B 443 -25.27 -19.86 -25.42
C ASN B 443 -25.45 -20.92 -24.35
N SER B 444 -24.64 -21.98 -24.37
CA SER B 444 -24.69 -23.01 -23.34
C SER B 444 -23.83 -22.67 -22.13
N LEU B 445 -23.06 -21.60 -22.19
CA LEU B 445 -22.18 -21.19 -21.10
C LEU B 445 -22.50 -19.77 -20.68
N ALA B 446 -22.34 -19.51 -19.38
CA ALA B 446 -22.61 -18.20 -18.81
C ALA B 446 -21.55 -17.90 -17.76
N VAL B 447 -21.36 -16.62 -17.50
CA VAL B 447 -20.37 -16.17 -16.52
C VAL B 447 -21.00 -16.20 -15.13
N THR B 448 -20.23 -16.65 -14.16
CA THR B 448 -20.69 -16.79 -12.78
C THR B 448 -20.06 -15.71 -11.91
N MET B 449 -20.61 -15.57 -10.70
CA MET B 449 -20.10 -14.58 -9.76
C MET B 449 -18.67 -14.90 -9.33
N ASP B 450 -18.33 -16.19 -9.25
CA ASP B 450 -16.97 -16.56 -8.90
C ASP B 450 -15.97 -16.07 -9.94
N ASP B 451 -16.36 -16.11 -11.22
CA ASP B 451 -15.48 -15.61 -12.26
C ASP B 451 -15.22 -14.12 -12.08
N PHE B 452 -16.28 -13.35 -11.79
CA PHE B 452 -16.10 -11.92 -11.56
C PHE B 452 -15.24 -11.66 -10.33
N ARG B 453 -15.44 -12.44 -9.27
CA ARG B 453 -14.62 -12.26 -8.07
C ARG B 453 -13.15 -12.55 -8.36
N TRP B 454 -12.88 -13.62 -9.12
CA TRP B 454 -11.50 -13.95 -9.46
C TRP B 454 -10.88 -12.87 -10.34
N ALA B 455 -11.63 -12.37 -11.33
CA ALA B 455 -11.10 -11.34 -12.19
C ALA B 455 -10.84 -10.05 -11.42
N LEU B 456 -11.75 -9.69 -10.51
CA LEU B 456 -11.56 -8.49 -9.70
C LEU B 456 -10.35 -8.63 -8.80
N SER B 457 -10.17 -9.80 -8.19
CA SER B 457 -9.00 -10.02 -7.33
C SER B 457 -7.70 -10.02 -8.12
N GLN B 458 -7.76 -10.24 -9.43
CA GLN B 458 -6.58 -10.26 -10.28
C GLN B 458 -6.58 -9.06 -11.23
N SER B 459 -7.03 -7.91 -10.75
CA SER B 459 -7.13 -6.70 -11.55
C SER B 459 -6.30 -5.59 -10.93
N ASN B 460 -5.60 -4.84 -11.78
CA ASN B 460 -4.79 -3.71 -11.33
C ASN B 460 -5.45 -2.41 -11.77
N PRO B 461 -6.13 -1.69 -10.89
CA PRO B 461 -6.75 -0.43 -11.29
C PRO B 461 -5.70 0.60 -11.68
N SER B 462 -6.05 1.43 -12.66
CA SER B 462 -5.13 2.45 -13.15
C SER B 462 -5.28 3.74 -12.35
N ALA B 463 -6.49 4.28 -12.27
CA ALA B 463 -6.74 5.54 -11.59
C ALA B 463 -7.04 5.24 -10.13
N LEU B 464 -5.98 5.11 -9.33
CA LEU B 464 -6.11 4.87 -7.90
C LEU B 464 -5.57 6.00 -7.05
N ARG B 465 -4.60 6.76 -7.54
CA ARG B 465 -4.04 7.88 -6.79
C ARG B 465 -4.80 9.18 -7.01
N GLU B 466 -5.75 9.20 -7.95
CA GLU B 466 -6.50 10.41 -8.24
C GLU B 466 -7.45 10.76 -7.09
N THR B 467 -7.70 12.06 -6.94
CA THR B 467 -8.62 12.53 -5.92
C THR B 467 -10.03 12.05 -6.22
N VAL B 468 -10.73 11.58 -5.19
CA VAL B 468 -12.09 11.09 -5.32
C VAL B 468 -13.04 12.27 -5.14
N VAL B 469 -13.84 12.56 -6.16
CA VAL B 469 -14.80 13.65 -6.13
C VAL B 469 -16.17 13.04 -6.40
N GLU B 470 -16.90 12.71 -5.35
CA GLU B 470 -18.20 12.08 -5.47
C GLU B 470 -19.14 12.66 -4.43
N VAL B 471 -20.41 12.27 -4.52
CA VAL B 471 -21.42 12.64 -3.53
C VAL B 471 -21.43 11.58 -2.44
N PRO B 472 -21.26 11.95 -1.17
CA PRO B 472 -21.23 10.93 -0.11
C PRO B 472 -22.56 10.23 0.03
N GLN B 473 -22.51 8.98 0.48
CA GLN B 473 -23.71 8.20 0.76
C GLN B 473 -24.09 8.21 2.22
N VAL B 474 -23.39 8.99 3.06
CA VAL B 474 -23.68 9.05 4.48
C VAL B 474 -24.81 10.03 4.71
N THR B 475 -25.83 9.61 5.46
CA THR B 475 -26.97 10.44 5.78
C THR B 475 -26.94 10.83 7.25
N TRP B 476 -27.91 11.65 7.67
CA TRP B 476 -27.97 12.09 9.06
C TRP B 476 -28.29 10.95 10.01
N GLU B 477 -28.82 9.82 9.51
CA GLU B 477 -29.20 8.74 10.39
C GLU B 477 -27.98 8.03 10.96
N ASP B 478 -26.84 8.12 10.29
CA ASP B 478 -25.64 7.42 10.75
C ASP B 478 -25.08 8.01 12.03
N ILE B 479 -25.43 9.26 12.36
CA ILE B 479 -24.96 9.90 13.58
C ILE B 479 -26.16 10.49 14.30
N GLY B 480 -26.39 10.06 15.53
CA GLY B 480 -27.50 10.56 16.31
C GLY B 480 -27.15 11.82 17.07
N GLY B 481 -28.19 12.55 17.46
CA GLY B 481 -27.98 13.76 18.24
C GLY B 481 -27.33 14.86 17.42
N LEU B 482 -26.79 15.84 18.13
CA LEU B 482 -26.12 16.99 17.53
C LEU B 482 -27.04 17.72 16.57
N GLU B 483 -28.28 17.99 17.03
CA GLU B 483 -29.24 18.69 16.20
C GLU B 483 -28.79 20.11 15.92
N ASP B 484 -28.18 20.78 16.90
CA ASP B 484 -27.71 22.14 16.70
C ASP B 484 -26.65 22.20 15.60
N VAL B 485 -25.74 21.22 15.59
CA VAL B 485 -24.71 21.18 14.55
C VAL B 485 -25.35 20.97 13.18
N LYS B 486 -26.37 20.10 13.10
CA LYS B 486 -27.07 19.91 11.83
C LYS B 486 -27.70 21.21 11.36
N ARG B 487 -28.35 21.93 12.28
CA ARG B 487 -28.98 23.19 11.91
C ARG B 487 -27.95 24.19 11.42
N GLU B 488 -26.81 24.30 12.12
CA GLU B 488 -25.78 25.24 11.70
C GLU B 488 -25.23 24.88 10.33
N LEU B 489 -24.98 23.58 10.09
CA LEU B 489 -24.43 23.17 8.81
C LEU B 489 -25.41 23.45 7.68
N GLN B 490 -26.70 23.15 7.89
CA GLN B 490 -27.68 23.45 6.86
C GLN B 490 -27.77 24.95 6.61
N GLU B 491 -27.73 25.75 7.68
CA GLU B 491 -27.80 27.19 7.52
C GLU B 491 -26.60 27.74 6.76
N LEU B 492 -25.44 27.12 6.94
CA LEU B 492 -24.21 27.68 6.37
C LEU B 492 -23.89 27.16 4.98
N VAL B 493 -24.28 25.95 4.63
CA VAL B 493 -23.89 25.38 3.34
C VAL B 493 -25.07 25.10 2.42
N GLN B 494 -26.30 25.06 2.91
CA GLN B 494 -27.45 24.73 2.07
C GLN B 494 -28.23 25.94 1.61
N TYR B 495 -28.37 26.96 2.47
CA TYR B 495 -29.12 28.15 2.08
C TYR B 495 -28.48 28.89 0.91
N PRO B 496 -27.18 29.18 0.89
CA PRO B 496 -26.62 29.92 -0.26
C PRO B 496 -26.72 29.17 -1.58
N VAL B 497 -26.80 27.83 -1.55
CA VAL B 497 -26.86 27.09 -2.80
C VAL B 497 -28.29 26.88 -3.30
N GLU B 498 -29.29 27.14 -2.46
CA GLU B 498 -30.68 26.96 -2.84
C GLU B 498 -31.51 28.24 -2.79
N HIS B 499 -31.06 29.27 -2.09
CA HIS B 499 -31.77 30.55 -2.04
C HIS B 499 -30.80 31.70 -2.30
N PRO B 500 -30.21 31.77 -3.50
CA PRO B 500 -29.34 32.92 -3.80
C PRO B 500 -30.07 34.23 -3.76
N ASP B 501 -31.36 34.24 -4.11
CA ASP B 501 -32.12 35.47 -4.13
C ASP B 501 -32.22 36.09 -2.74
N LYS B 502 -32.33 35.25 -1.71
CA LYS B 502 -32.39 35.76 -0.34
C LYS B 502 -31.11 36.50 0.02
N PHE B 503 -29.96 35.89 -0.30
CA PHE B 503 -28.68 36.51 0.01
C PHE B 503 -28.48 37.79 -0.79
N LEU B 504 -28.89 37.80 -2.05
CA LEU B 504 -28.81 39.03 -2.83
C LEU B 504 -29.70 40.12 -2.25
N LYS B 505 -30.91 39.74 -1.83
CA LYS B 505 -31.86 40.71 -1.30
C LYS B 505 -31.35 41.32 0.00
N PHE B 506 -30.81 40.50 0.89
CA PHE B 506 -30.32 41.01 2.16
C PHE B 506 -28.85 41.41 2.13
N GLY B 507 -28.15 41.14 1.04
CA GLY B 507 -26.75 41.53 0.93
C GLY B 507 -25.87 40.92 2.00
N MET B 508 -26.08 39.64 2.30
CA MET B 508 -25.28 38.94 3.29
C MET B 508 -24.32 38.01 2.58
N THR B 509 -23.02 38.21 2.81
CA THR B 509 -22.02 37.37 2.17
C THR B 509 -22.05 35.98 2.79
N PRO B 510 -22.16 34.93 1.99
CA PRO B 510 -22.16 33.58 2.54
C PRO B 510 -20.86 33.28 3.28
N SER B 511 -20.97 32.51 4.36
CA SER B 511 -19.80 32.16 5.15
C SER B 511 -18.87 31.28 4.34
N LYS B 512 -17.57 31.51 4.49
CA LYS B 512 -16.58 30.76 3.72
C LYS B 512 -16.40 29.34 4.24
N GLY B 513 -16.41 29.15 5.56
CA GLY B 513 -16.22 27.81 6.09
C GLY B 513 -16.27 27.81 7.61
N VAL B 514 -16.12 26.61 8.17
CA VAL B 514 -16.19 26.38 9.61
C VAL B 514 -14.99 25.53 10.03
N LEU B 515 -14.81 25.42 11.34
CA LEU B 515 -13.74 24.61 11.92
C LEU B 515 -14.32 23.79 13.06
N PHE B 516 -14.20 22.47 12.95
CA PHE B 516 -14.68 21.56 13.97
C PHE B 516 -13.53 21.23 14.93
N TYR B 517 -13.79 21.36 16.22
CA TYR B 517 -12.79 20.98 17.22
C TYR B 517 -13.45 20.14 18.30
N GLY B 518 -12.70 19.17 18.81
CA GLY B 518 -13.19 18.29 19.84
C GLY B 518 -12.30 17.08 20.01
N PRO B 519 -12.63 16.21 20.96
CA PRO B 519 -11.81 15.02 21.18
C PRO B 519 -11.85 14.10 19.98
N PRO B 520 -10.80 13.32 19.74
CA PRO B 520 -10.75 12.50 18.53
C PRO B 520 -11.80 11.40 18.52
N GLY B 521 -12.21 11.04 17.31
CA GLY B 521 -13.10 9.91 17.13
C GLY B 521 -14.56 10.17 17.43
N CYS B 522 -14.98 11.42 17.54
CA CYS B 522 -16.36 11.73 17.88
C CYS B 522 -17.23 11.96 16.66
N GLY B 523 -16.70 11.79 15.44
CA GLY B 523 -17.51 11.90 14.25
C GLY B 523 -17.44 13.26 13.58
N LYS B 524 -16.24 13.82 13.45
CA LYS B 524 -16.08 15.08 12.77
C LYS B 524 -16.14 14.93 11.25
N THR B 525 -15.68 13.80 10.72
CA THR B 525 -15.76 13.56 9.28
C THR B 525 -17.16 13.19 8.85
N LEU B 526 -17.89 12.46 9.69
CA LEU B 526 -19.24 12.03 9.33
C LEU B 526 -20.16 13.23 9.15
N LEU B 527 -20.00 14.26 9.97
CA LEU B 527 -20.85 15.44 9.82
C LEU B 527 -20.61 16.12 8.49
N ALA B 528 -19.34 16.26 8.08
CA ALA B 528 -19.04 16.88 6.80
C ALA B 528 -19.60 16.04 5.65
N LYS B 529 -19.42 14.72 5.72
CA LYS B 529 -19.95 13.87 4.65
C LYS B 529 -21.48 13.94 4.61
N ALA B 530 -22.13 13.95 5.76
CA ALA B 530 -23.58 14.01 5.80
C ALA B 530 -24.10 15.33 5.25
N ILE B 531 -23.46 16.44 5.59
CA ILE B 531 -23.94 17.73 5.11
C ILE B 531 -23.66 17.87 3.62
N ALA B 532 -22.60 17.25 3.12
CA ALA B 532 -22.37 17.24 1.68
C ALA B 532 -23.43 16.41 0.97
N ASN B 533 -23.77 15.26 1.54
CA ASN B 533 -24.78 14.39 0.93
C ASN B 533 -26.15 15.05 0.93
N GLU B 534 -26.51 15.72 2.01
CA GLU B 534 -27.83 16.30 2.13
C GLU B 534 -28.06 17.41 1.10
N CYS B 535 -27.00 18.09 0.69
CA CYS B 535 -27.08 19.12 -0.33
C CYS B 535 -26.79 18.61 -1.73
N GLN B 536 -26.50 17.31 -1.87
CA GLN B 536 -26.16 16.72 -3.16
C GLN B 536 -24.99 17.45 -3.82
N ALA B 537 -23.97 17.73 -3.04
CA ALA B 537 -22.77 18.42 -3.52
C ALA B 537 -21.57 17.50 -3.40
N ASN B 538 -20.63 17.67 -4.32
CA ASN B 538 -19.43 16.83 -4.32
C ASN B 538 -18.61 17.08 -3.07
N PHE B 539 -17.88 16.05 -2.64
CA PHE B 539 -17.10 16.09 -1.42
C PHE B 539 -15.66 15.74 -1.73
N ILE B 540 -14.74 16.64 -1.38
CA ILE B 540 -13.31 16.43 -1.57
C ILE B 540 -12.65 16.47 -0.21
N SER B 541 -11.93 15.41 0.15
CA SER B 541 -11.33 15.28 1.46
C SER B 541 -9.81 15.32 1.33
N ILE B 542 -9.17 16.14 2.16
CA ILE B 542 -7.72 16.28 2.17
C ILE B 542 -7.25 15.90 3.57
N LYS B 543 -6.67 14.71 3.69
CA LYS B 543 -6.22 14.23 4.99
C LYS B 543 -4.91 14.90 5.39
N GLY B 544 -4.55 14.73 6.67
CA GLY B 544 -3.33 15.28 7.21
C GLY B 544 -2.05 14.82 6.56
N PRO B 545 -1.91 13.53 6.22
CA PRO B 545 -0.71 13.11 5.50
C PRO B 545 -0.47 13.84 4.20
N GLU B 546 -1.53 14.25 3.50
CA GLU B 546 -1.33 15.05 2.29
C GLU B 546 -0.66 16.38 2.61
N LEU B 547 -1.13 17.05 3.67
CA LEU B 547 -0.51 18.29 4.09
C LEU B 547 0.95 18.07 4.50
N LEU B 548 1.21 16.98 5.22
CA LEU B 548 2.58 16.70 5.64
C LEU B 548 3.48 16.43 4.44
N THR B 549 2.97 15.72 3.43
CA THR B 549 3.76 15.50 2.22
C THR B 549 4.06 16.82 1.51
N MET B 550 3.08 17.71 1.45
CA MET B 550 3.32 19.00 0.81
C MET B 550 4.30 19.84 1.62
N TRP B 551 4.29 19.71 2.94
CA TRP B 551 5.21 20.50 3.76
C TRP B 551 6.64 19.96 3.67
N PHE B 552 6.80 18.64 3.73
CA PHE B 552 8.13 18.05 3.68
C PHE B 552 8.77 18.25 2.32
N GLY B 553 8.03 17.98 1.25
CA GLY B 553 8.56 18.15 -0.08
C GLY B 553 8.55 19.57 -0.59
N GLU B 554 8.01 20.50 0.18
CA GLU B 554 7.94 21.92 -0.19
C GLU B 554 7.16 22.12 -1.49
N SER B 555 6.26 21.19 -1.81
CA SER B 555 5.42 21.29 -3.00
C SER B 555 4.05 21.87 -2.62
N GLU B 556 4.08 23.05 -2.00
CA GLU B 556 2.84 23.71 -1.61
C GLU B 556 2.04 24.22 -2.79
N ALA B 557 2.67 24.39 -3.95
CA ALA B 557 1.94 24.86 -5.13
C ALA B 557 0.77 23.96 -5.47
N ASN B 558 0.85 22.66 -5.16
CA ASN B 558 -0.25 21.75 -5.43
C ASN B 558 -1.53 22.18 -4.74
N VAL B 559 -1.44 22.94 -3.65
CA VAL B 559 -2.66 23.43 -3.01
C VAL B 559 -3.52 24.17 -4.02
N ARG B 560 -2.89 25.04 -4.82
CA ARG B 560 -3.64 25.73 -5.87
C ARG B 560 -4.40 24.73 -6.73
N GLU B 561 -3.71 23.70 -7.22
CA GLU B 561 -4.37 22.70 -8.06
C GLU B 561 -5.59 22.13 -7.36
N ILE B 562 -5.48 21.84 -6.06
CA ILE B 562 -6.61 21.27 -5.33
C ILE B 562 -7.82 22.18 -5.46
N PHE B 563 -7.63 23.48 -5.20
CA PHE B 563 -8.76 24.38 -5.29
C PHE B 563 -9.30 24.43 -6.71
N ASP B 564 -8.41 24.37 -7.71
CA ASP B 564 -8.87 24.32 -9.09
C ASP B 564 -9.83 23.15 -9.29
N LYS B 565 -9.48 21.99 -8.75
CA LYS B 565 -10.39 20.85 -8.83
C LYS B 565 -11.70 21.16 -8.14
N ALA B 566 -11.64 21.75 -6.94
CA ALA B 566 -12.85 22.12 -6.23
C ALA B 566 -13.61 23.19 -6.99
N ARG B 567 -12.90 23.99 -7.80
CA ARG B 567 -13.58 24.98 -8.62
C ARG B 567 -14.29 24.31 -9.79
N GLN B 568 -13.75 23.22 -10.30
CA GLN B 568 -14.34 22.58 -11.47
C GLN B 568 -15.63 21.85 -11.09
N ALA B 569 -15.61 21.13 -9.97
CA ALA B 569 -16.76 20.33 -9.55
C ALA B 569 -17.65 21.09 -8.57
N ALA B 570 -18.09 22.28 -8.96
CA ALA B 570 -18.99 23.02 -8.10
C ALA B 570 -20.43 22.54 -8.31
N PRO B 571 -21.24 22.52 -7.24
CA PRO B 571 -20.93 22.86 -5.85
C PRO B 571 -20.06 21.79 -5.20
N CYS B 572 -19.27 22.13 -4.19
CA CYS B 572 -18.37 21.18 -3.59
C CYS B 572 -18.15 21.54 -2.13
N VAL B 573 -17.75 20.54 -1.36
CA VAL B 573 -17.37 20.73 0.05
C VAL B 573 -15.93 20.28 0.19
N LEU B 574 -15.05 21.20 0.51
CA LEU B 574 -13.63 20.92 0.65
C LEU B 574 -13.32 20.70 2.12
N PHE B 575 -12.83 19.52 2.46
CA PHE B 575 -12.62 19.12 3.84
C PHE B 575 -11.14 18.94 4.10
N PHE B 576 -10.62 19.67 5.08
CA PHE B 576 -9.23 19.54 5.52
C PHE B 576 -9.22 18.88 6.89
N ASP B 577 -8.56 17.73 6.98
CA ASP B 577 -8.51 16.97 8.21
C ASP B 577 -7.16 17.15 8.88
N GLU B 578 -7.17 17.34 10.20
CA GLU B 578 -5.96 17.54 10.99
C GLU B 578 -5.17 18.75 10.49
N LEU B 579 -5.80 19.92 10.59
CA LEU B 579 -5.11 21.17 10.26
C LEU B 579 -3.96 21.44 11.21
N ASP B 580 -3.96 20.84 12.40
CA ASP B 580 -2.90 21.03 13.37
C ASP B 580 -1.70 20.13 13.13
N SER B 581 -1.76 19.26 12.12
CA SER B 581 -0.67 18.31 11.89
C SER B 581 0.63 19.03 11.55
N ILE B 582 0.57 20.06 10.71
CA ILE B 582 1.77 20.80 10.35
C ILE B 582 2.37 21.46 11.57
N ALA B 583 1.54 22.13 12.38
CA ALA B 583 2.04 22.82 13.55
C ALA B 583 2.60 21.84 14.57
N LYS B 584 1.93 20.70 14.75
CA LYS B 584 2.40 19.71 15.71
C LYS B 584 3.71 19.06 15.26
N ALA B 585 3.88 18.89 13.94
CA ALA B 585 5.08 18.21 13.44
C ALA B 585 6.34 19.02 13.69
N ARG B 586 6.25 20.35 13.65
CA ARG B 586 7.40 21.22 13.81
C ARG B 586 7.50 21.77 15.22
N GLY B 587 7.16 20.96 16.22
CA GLY B 587 7.17 21.41 17.59
C GLY B 587 5.90 21.07 18.31
N GLY B 588 5.14 22.09 18.72
CA GLY B 588 3.89 21.87 19.41
C GLY B 588 3.47 23.08 20.21
N ASN B 589 3.15 22.87 21.49
CA ASN B 589 2.78 23.99 22.35
C ASN B 589 3.96 24.95 22.51
N ILE B 590 5.17 24.41 22.66
CA ILE B 590 6.35 25.25 22.79
C ILE B 590 6.86 25.68 21.42
N GLY B 591 6.98 24.73 20.49
CA GLY B 591 7.51 25.02 19.18
C GLY B 591 9.03 25.08 19.18
N ASP B 592 9.58 25.45 18.02
CA ASP B 592 11.01 25.57 17.84
C ASP B 592 11.46 26.99 17.52
N GLY B 593 10.80 27.65 16.56
CA GLY B 593 11.19 28.98 16.17
C GLY B 593 10.14 30.03 16.47
N GLY B 594 9.57 30.61 15.41
CA GLY B 594 8.61 31.69 15.56
C GLY B 594 7.19 31.22 15.77
N GLY B 595 6.24 31.92 15.16
CA GLY B 595 4.83 31.63 15.35
C GLY B 595 4.36 30.38 14.64
N ALA B 596 3.06 30.30 14.38
CA ALA B 596 2.45 29.10 13.83
C ALA B 596 2.36 29.12 12.31
N ALA B 597 2.87 30.16 11.66
CA ALA B 597 2.80 30.22 10.21
C ALA B 597 3.75 29.21 9.57
N ASP B 598 3.36 28.71 8.42
CA ASP B 598 4.17 27.75 7.67
C ASP B 598 3.88 27.94 6.19
N ARG B 599 4.30 26.97 5.37
CA ARG B 599 4.14 27.08 3.92
C ARG B 599 2.75 26.66 3.49
N VAL B 600 2.35 25.43 3.84
CA VAL B 600 1.09 24.88 3.33
C VAL B 600 -0.10 25.68 3.83
N ILE B 601 -0.09 26.06 5.11
CA ILE B 601 -1.19 26.83 5.65
C ILE B 601 -1.25 28.21 4.99
N ASN B 602 -0.09 28.80 4.72
CA ASN B 602 -0.08 30.09 4.05
C ASN B 602 -0.65 30.00 2.64
N GLN B 603 -0.32 28.93 1.91
CA GLN B 603 -0.90 28.74 0.60
C GLN B 603 -2.40 28.51 0.67
N ILE B 604 -2.85 27.77 1.68
CA ILE B 604 -4.29 27.58 1.86
C ILE B 604 -4.97 28.92 2.09
N LEU B 605 -4.36 29.77 2.92
CA LEU B 605 -4.94 31.09 3.17
C LEU B 605 -4.99 31.92 1.90
N THR B 606 -3.90 31.92 1.13
CA THR B 606 -3.85 32.77 -0.05
C THR B 606 -4.71 32.24 -1.18
N GLU B 607 -5.08 30.96 -1.15
CA GLU B 607 -6.03 30.44 -2.13
C GLU B 607 -7.48 30.63 -1.69
N MET B 608 -7.75 30.52 -0.38
CA MET B 608 -9.10 30.73 0.11
C MET B 608 -9.49 32.20 0.03
N ASP B 609 -8.53 33.11 0.26
CA ASP B 609 -8.83 34.53 0.14
C ASP B 609 -9.18 34.90 -1.29
N GLY B 610 -8.45 34.34 -2.26
CA GLY B 610 -8.69 34.67 -3.65
C GLY B 610 -9.68 33.73 -4.32
N MET B 611 -10.80 33.48 -3.66
CA MET B 611 -11.83 32.59 -4.18
C MET B 611 -13.16 33.33 -4.20
N SER B 612 -13.79 33.36 -5.37
CA SER B 612 -15.06 34.07 -5.51
C SER B 612 -16.19 33.29 -4.84
N THR B 613 -17.15 34.04 -4.29
CA THR B 613 -18.30 33.42 -3.65
C THR B 613 -19.37 32.98 -4.64
N LYS B 614 -19.27 33.38 -5.91
CA LYS B 614 -20.23 32.92 -6.91
C LYS B 614 -20.15 31.41 -7.08
N LYS B 615 -18.94 30.86 -7.12
CA LYS B 615 -18.77 29.42 -7.01
C LYS B 615 -19.17 28.97 -5.63
N ASN B 616 -19.82 27.80 -5.55
CA ASN B 616 -20.30 27.28 -4.27
C ASN B 616 -19.31 26.24 -3.76
N VAL B 617 -18.19 26.73 -3.23
CA VAL B 617 -17.17 25.89 -2.62
C VAL B 617 -17.12 26.22 -1.14
N PHE B 618 -17.32 25.21 -0.30
CA PHE B 618 -17.35 25.37 1.14
C PHE B 618 -16.21 24.58 1.75
N ILE B 619 -15.46 25.22 2.65
CA ILE B 619 -14.25 24.65 3.22
C ILE B 619 -14.50 24.32 4.69
N ILE B 620 -14.26 23.07 5.06
CA ILE B 620 -14.46 22.62 6.44
C ILE B 620 -13.15 22.07 6.97
N GLY B 621 -12.74 22.55 8.14
CA GLY B 621 -11.51 22.10 8.75
C GLY B 621 -11.79 21.41 10.07
N ALA B 622 -10.95 20.43 10.41
CA ALA B 622 -11.12 19.66 11.63
C ALA B 622 -9.79 19.54 12.34
N THR B 623 -9.83 19.66 13.67
CA THR B 623 -8.62 19.55 14.48
C THR B 623 -9.02 19.18 15.90
N ASN B 624 -8.23 18.31 16.53
CA ASN B 624 -8.44 17.96 17.92
C ASN B 624 -7.48 18.69 18.86
N ARG B 625 -6.66 19.59 18.35
CA ARG B 625 -5.78 20.44 19.14
C ARG B 625 -5.99 21.87 18.71
N PRO B 626 -7.12 22.49 19.11
CA PRO B 626 -7.38 23.87 18.69
C PRO B 626 -6.41 24.89 19.26
N ASP B 627 -5.62 24.50 20.26
CA ASP B 627 -4.69 25.45 20.88
C ASP B 627 -3.59 25.87 19.93
N ILE B 628 -3.06 24.92 19.14
CA ILE B 628 -1.90 25.19 18.30
C ILE B 628 -2.29 25.53 16.87
N ILE B 629 -3.57 25.74 16.61
CA ILE B 629 -3.99 26.13 15.26
C ILE B 629 -3.52 27.55 14.98
N ASP B 630 -3.27 27.84 13.73
CA ASP B 630 -2.78 29.16 13.34
C ASP B 630 -3.90 30.18 13.49
N PRO B 631 -3.71 31.24 14.28
CA PRO B 631 -4.78 32.24 14.42
C PRO B 631 -5.13 32.95 13.13
N ALA B 632 -4.24 32.91 12.13
CA ALA B 632 -4.54 33.56 10.86
C ALA B 632 -5.75 32.92 10.18
N ILE B 633 -5.89 31.60 10.30
CA ILE B 633 -7.04 30.92 9.71
C ILE B 633 -8.33 31.38 10.38
N LEU B 634 -8.32 31.46 11.71
CA LEU B 634 -9.49 31.86 12.46
C LEU B 634 -9.70 33.37 12.31
N ARG B 635 -10.06 33.80 11.11
CA ARG B 635 -10.20 35.20 10.77
C ARG B 635 -11.57 35.43 10.17
N PRO B 636 -12.15 36.62 10.37
CA PRO B 636 -13.49 36.87 9.84
C PRO B 636 -13.51 36.96 8.33
N GLY B 637 -13.59 35.81 7.68
CA GLY B 637 -13.62 35.75 6.24
C GLY B 637 -12.96 34.50 5.67
N ARG B 638 -12.30 33.73 6.52
CA ARG B 638 -11.72 32.46 6.08
C ARG B 638 -12.36 31.26 6.77
N LEU B 639 -12.28 31.17 8.10
CA LEU B 639 -12.79 30.05 8.87
C LEU B 639 -13.44 30.55 10.16
N ASP B 640 -14.27 31.57 10.03
CA ASP B 640 -14.74 32.33 11.18
C ASP B 640 -15.48 31.48 12.21
N GLN B 641 -16.14 30.42 11.79
CA GLN B 641 -16.99 29.64 12.70
C GLN B 641 -16.17 28.56 13.39
N LEU B 642 -16.35 28.44 14.70
CA LEU B 642 -15.77 27.35 15.49
C LEU B 642 -16.90 26.54 16.11
N ILE B 643 -16.89 25.23 15.89
CA ILE B 643 -17.95 24.35 16.33
C ILE B 643 -17.35 23.24 17.17
N TYR B 644 -17.93 23.02 18.36
CA TYR B 644 -17.46 22.00 19.28
C TYR B 644 -18.23 20.71 19.06
N ILE B 645 -17.50 19.61 18.91
CA ILE B 645 -18.11 18.29 18.73
C ILE B 645 -17.78 17.46 19.96
N PRO B 646 -18.67 17.38 20.93
CA PRO B 646 -18.36 16.70 22.19
C PRO B 646 -18.52 15.18 22.04
N LEU B 647 -18.35 14.49 23.17
CA LEU B 647 -18.56 13.06 23.19
C LEU B 647 -20.04 12.75 22.96
N PRO B 648 -20.34 11.63 22.30
CA PRO B 648 -21.74 11.29 22.03
C PRO B 648 -22.52 11.04 23.32
N ASP B 649 -23.82 11.33 23.26
CA ASP B 649 -24.70 11.14 24.39
C ASP B 649 -25.44 9.81 24.27
N GLU B 650 -26.34 9.56 25.22
CA GLU B 650 -27.04 8.27 25.26
C GLU B 650 -27.87 8.04 24.01
N LYS B 651 -28.58 9.07 23.55
CA LYS B 651 -29.43 8.91 22.37
C LYS B 651 -28.62 8.76 21.10
N SER B 652 -27.37 9.20 21.10
CA SER B 652 -26.54 9.10 19.91
C SER B 652 -25.79 7.77 19.81
N ARG B 653 -25.44 7.19 20.96
CA ARG B 653 -24.72 5.91 20.93
C ARG B 653 -25.59 4.80 20.33
N VAL B 654 -26.89 4.84 20.61
CA VAL B 654 -27.79 3.86 20.03
C VAL B 654 -27.78 3.96 18.51
N ALA B 655 -27.84 5.19 17.99
CA ALA B 655 -27.80 5.37 16.54
C ALA B 655 -26.46 4.92 15.97
N ILE B 656 -25.37 5.19 16.69
CA ILE B 656 -24.05 4.76 16.23
C ILE B 656 -23.99 3.24 16.14
N LEU B 657 -24.48 2.56 17.18
CA LEU B 657 -24.47 1.10 17.18
C LEU B 657 -25.34 0.54 16.06
N LYS B 658 -26.53 1.11 15.86
CA LYS B 658 -27.39 0.65 14.77
C LYS B 658 -26.73 0.85 13.42
N ALA B 659 -26.08 2.00 13.21
CA ALA B 659 -25.42 2.27 11.95
C ALA B 659 -24.26 1.30 11.72
N ASN B 660 -23.53 0.97 12.78
CA ASN B 660 -22.42 0.04 12.62
C ASN B 660 -22.90 -1.38 12.38
N LEU B 661 -24.02 -1.77 12.99
CA LEU B 661 -24.50 -3.15 12.93
C LEU B 661 -25.49 -3.39 11.80
N ARG B 662 -25.89 -2.36 11.05
CA ARG B 662 -26.83 -2.58 9.96
C ARG B 662 -26.31 -3.52 8.90
N LYS B 663 -24.99 -3.70 8.81
CA LYS B 663 -24.40 -4.56 7.79
C LYS B 663 -24.28 -6.00 8.25
N SER B 664 -24.43 -6.28 9.54
CA SER B 664 -24.20 -7.62 10.06
C SER B 664 -25.45 -8.19 10.71
N PRO B 665 -25.69 -9.49 10.58
CA PRO B 665 -26.81 -10.11 11.29
C PRO B 665 -26.64 -9.99 12.80
N VAL B 666 -27.75 -9.69 13.48
CA VAL B 666 -27.76 -9.55 14.94
C VAL B 666 -28.98 -10.27 15.48
N ALA B 667 -28.77 -11.04 16.55
CA ALA B 667 -29.88 -11.74 17.19
C ALA B 667 -30.84 -10.76 17.83
N LYS B 668 -32.11 -11.14 17.87
CA LYS B 668 -33.14 -10.26 18.44
C LYS B 668 -32.97 -10.06 19.93
N ASP B 669 -32.26 -10.96 20.61
CA ASP B 669 -32.09 -10.84 22.05
C ASP B 669 -31.17 -9.69 22.43
N VAL B 670 -30.39 -9.17 21.49
CA VAL B 670 -29.44 -8.11 21.80
C VAL B 670 -30.21 -6.83 22.12
N ASP B 671 -29.94 -6.26 23.29
CA ASP B 671 -30.60 -5.05 23.76
C ASP B 671 -29.56 -3.93 23.75
N LEU B 672 -29.56 -3.14 22.67
CA LEU B 672 -28.56 -2.09 22.51
C LEU B 672 -28.74 -0.95 23.50
N GLU B 673 -29.95 -0.76 24.02
CA GLU B 673 -30.19 0.33 24.96
C GLU B 673 -29.38 0.15 26.22
N PHE B 674 -29.33 -1.07 26.75
CA PHE B 674 -28.54 -1.31 27.95
C PHE B 674 -27.06 -1.08 27.70
N LEU B 675 -26.56 -1.50 26.55
CA LEU B 675 -25.16 -1.27 26.21
C LEU B 675 -24.85 0.21 26.13
N ALA B 676 -25.74 0.98 25.49
CA ALA B 676 -25.54 2.43 25.39
C ALA B 676 -25.58 3.07 26.76
N LYS B 677 -26.47 2.61 27.64
CA LYS B 677 -26.49 3.13 29.01
C LYS B 677 -25.19 2.82 29.74
N MET B 678 -24.65 1.62 29.53
CA MET B 678 -23.46 1.22 30.27
C MET B 678 -22.19 1.89 29.77
N THR B 679 -22.12 2.25 28.49
CA THR B 679 -20.88 2.82 27.95
C THR B 679 -20.54 4.14 28.64
N ASN B 680 -21.50 5.06 28.71
CA ASN B 680 -21.36 6.35 29.40
C ASN B 680 -20.33 7.25 28.74
N GLY B 681 -19.04 6.96 28.92
CA GLY B 681 -18.01 7.87 28.50
C GLY B 681 -17.16 7.40 27.34
N PHE B 682 -17.78 6.76 26.36
CA PHE B 682 -17.08 6.24 25.20
C PHE B 682 -17.22 7.20 24.03
N SER B 683 -16.44 6.94 22.98
CA SER B 683 -16.51 7.68 21.73
C SER B 683 -16.95 6.75 20.62
N GLY B 684 -17.14 7.32 19.43
CA GLY B 684 -17.54 6.51 18.29
C GLY B 684 -16.49 5.48 17.92
N ALA B 685 -15.22 5.88 17.98
CA ALA B 685 -14.13 4.98 17.66
C ALA B 685 -14.02 3.80 18.62
N ASP B 686 -14.63 3.89 19.81
CA ASP B 686 -14.65 2.79 20.74
C ASP B 686 -15.84 1.87 20.52
N LEU B 687 -17.01 2.45 20.22
CA LEU B 687 -18.18 1.64 19.92
C LEU B 687 -17.97 0.82 18.66
N THR B 688 -17.36 1.43 17.63
CA THR B 688 -17.08 0.65 16.44
C THR B 688 -16.07 -0.47 16.72
N GLU B 689 -15.13 -0.23 17.62
CA GLU B 689 -14.19 -1.28 17.99
C GLU B 689 -14.89 -2.42 18.72
N ILE B 690 -15.85 -2.08 19.59
CA ILE B 690 -16.62 -3.11 20.27
C ILE B 690 -17.37 -3.97 19.26
N CYS B 691 -18.01 -3.31 18.29
CA CYS B 691 -18.74 -4.06 17.27
C CYS B 691 -17.81 -4.94 16.45
N GLN B 692 -16.64 -4.42 16.10
CA GLN B 692 -15.68 -5.21 15.33
C GLN B 692 -15.21 -6.42 16.11
N ARG B 693 -14.95 -6.25 17.41
CA ARG B 693 -14.53 -7.40 18.23
C ARG B 693 -15.64 -8.44 18.33
N ALA B 694 -16.88 -8.00 18.47
CA ALA B 694 -17.99 -8.95 18.51
C ALA B 694 -18.07 -9.74 17.21
N CYS B 695 -17.96 -9.06 16.07
CA CYS B 695 -18.00 -9.75 14.79
C CYS B 695 -16.83 -10.72 14.67
N LYS B 696 -15.64 -10.32 15.14
CA LYS B 696 -14.47 -11.18 15.05
C LYS B 696 -14.65 -12.44 15.89
N LEU B 697 -15.21 -12.29 17.09
CA LEU B 697 -15.47 -13.46 17.93
C LEU B 697 -16.47 -14.39 17.25
N ALA B 698 -17.51 -13.82 16.64
CA ALA B 698 -18.49 -14.66 15.95
C ALA B 698 -17.85 -15.42 14.80
N ILE B 699 -17.00 -14.74 14.02
CA ILE B 699 -16.34 -15.39 12.89
C ILE B 699 -15.43 -16.51 13.38
N ARG B 700 -14.69 -16.26 14.46
CA ARG B 700 -13.79 -17.29 14.99
C ARG B 700 -14.58 -18.50 15.46
N GLU B 701 -15.70 -18.27 16.15
CA GLU B 701 -16.52 -19.39 16.60
C GLU B 701 -17.07 -20.17 15.43
N SER B 702 -17.52 -19.49 14.38
CA SER B 702 -18.03 -20.18 13.21
C SER B 702 -16.95 -21.03 12.55
N ILE B 703 -15.74 -20.48 12.42
CA ILE B 703 -14.65 -21.22 11.80
C ILE B 703 -14.32 -22.45 12.63
N GLU B 704 -14.23 -22.28 13.95
CA GLU B 704 -13.89 -23.41 14.82
C GLU B 704 -14.96 -24.50 14.76
N SER B 705 -16.23 -24.11 14.77
CA SER B 705 -17.30 -25.09 14.70
C SER B 705 -17.30 -25.82 13.37
N GLU B 706 -17.07 -25.09 12.27
CA GLU B 706 -17.02 -25.74 10.96
C GLU B 706 -15.87 -26.72 10.88
N ILE B 707 -14.70 -26.35 11.42
CA ILE B 707 -13.56 -27.27 11.41
C ILE B 707 -13.86 -28.50 12.25
N ARG B 708 -14.43 -28.31 13.44
CA ARG B 708 -14.72 -29.45 14.31
C ARG B 708 -15.73 -30.39 13.68
N ARG B 709 -16.77 -29.84 13.05
CA ARG B 709 -17.80 -30.68 12.45
C ARG B 709 -17.28 -31.48 11.27
N GLU B 710 -16.12 -31.11 10.71
CA GLU B 710 -15.52 -31.91 9.66
C GLU B 710 -14.76 -33.11 10.19
N ARG B 711 -14.49 -33.17 11.50
CA ARG B 711 -13.77 -34.32 12.05
C ARG B 711 -14.63 -35.56 12.10
N GLU B 712 -15.94 -35.41 12.28
CA GLU B 712 -16.84 -36.56 12.34
C GLU B 712 -17.26 -37.07 10.96
N ARG B 713 -16.81 -36.41 9.89
CA ARG B 713 -17.16 -36.84 8.54
C ARG B 713 -16.29 -37.98 8.02
N GLN B 714 -15.31 -38.42 8.80
CA GLN B 714 -14.45 -39.52 8.40
C GLN B 714 -14.97 -40.88 8.87
N THR B 715 -16.15 -40.92 9.49
CA THR B 715 -16.74 -42.18 9.93
C THR B 715 -18.13 -42.36 9.33
N ASP B 726 -24.88 -24.41 9.32
CA ASP B 726 -24.73 -23.08 9.93
C ASP B 726 -25.05 -23.10 11.41
N PRO B 727 -24.10 -23.58 12.22
CA PRO B 727 -24.33 -23.59 13.67
C PRO B 727 -24.51 -22.19 14.26
N VAL B 728 -23.85 -21.18 13.70
CA VAL B 728 -23.93 -19.82 14.21
C VAL B 728 -24.40 -18.91 13.09
N PRO B 729 -25.70 -18.70 12.94
CA PRO B 729 -26.18 -17.81 11.87
C PRO B 729 -26.19 -16.34 12.27
N GLU B 730 -26.29 -16.07 13.57
CA GLU B 730 -26.44 -14.71 14.08
C GLU B 730 -25.39 -14.46 15.17
N ILE B 731 -25.43 -13.26 15.74
CA ILE B 731 -24.50 -12.84 16.78
C ILE B 731 -25.29 -12.76 18.08
N ARG B 732 -24.97 -13.63 19.02
CA ARG B 732 -25.70 -13.72 20.27
C ARG B 732 -25.25 -12.63 21.24
N ARG B 733 -25.91 -12.57 22.40
CA ARG B 733 -25.54 -11.59 23.41
C ARG B 733 -24.25 -11.97 24.12
N ASP B 734 -23.95 -13.27 24.21
CA ASP B 734 -22.72 -13.69 24.86
C ASP B 734 -21.49 -13.17 24.13
N HIS B 735 -21.58 -13.03 22.81
CA HIS B 735 -20.46 -12.45 22.07
C HIS B 735 -20.19 -11.01 22.52
N PHE B 736 -21.25 -10.21 22.67
CA PHE B 736 -21.06 -8.85 23.16
C PHE B 736 -20.56 -8.83 24.59
N GLU B 737 -21.06 -9.76 25.43
CA GLU B 737 -20.58 -9.81 26.81
C GLU B 737 -19.10 -10.13 26.87
N GLU B 738 -18.63 -11.02 25.99
CA GLU B 738 -17.21 -11.34 25.96
C GLU B 738 -16.39 -10.18 25.38
N ALA B 739 -16.92 -9.52 24.33
CA ALA B 739 -16.18 -8.44 23.70
C ALA B 739 -16.07 -7.23 24.61
N MET B 740 -17.02 -7.05 25.53
CA MET B 740 -16.95 -5.92 26.45
C MET B 740 -15.78 -6.00 27.42
N ARG B 741 -15.15 -7.17 27.57
CA ARG B 741 -13.99 -7.27 28.43
C ARG B 741 -12.79 -6.54 27.85
N PHE B 742 -12.75 -6.33 26.53
CA PHE B 742 -11.67 -5.61 25.88
C PHE B 742 -12.01 -4.15 25.62
N ALA B 743 -13.16 -3.69 26.10
CA ALA B 743 -13.55 -2.31 25.86
C ALA B 743 -12.65 -1.36 26.64
N ARG B 744 -12.11 -0.37 25.94
CA ARG B 744 -11.20 0.60 26.55
C ARG B 744 -11.70 2.00 26.25
N ARG B 745 -11.62 2.87 27.25
CA ARG B 745 -12.06 4.26 27.12
C ARG B 745 -10.90 5.09 26.59
N SER B 746 -11.05 5.60 25.37
CA SER B 746 -9.94 6.27 24.70
C SER B 746 -9.68 7.67 25.24
N VAL B 747 -10.73 8.39 25.65
CA VAL B 747 -10.62 9.77 26.09
C VAL B 747 -10.77 9.81 27.61
N SER B 748 -9.74 10.27 28.30
CA SER B 748 -9.78 10.36 29.75
C SER B 748 -10.58 11.59 30.18
N ASP B 749 -10.69 11.77 31.49
CA ASP B 749 -11.37 12.94 32.03
C ASP B 749 -10.53 14.20 31.90
N ASN B 750 -9.20 14.06 31.88
CA ASN B 750 -8.35 15.22 31.74
C ASN B 750 -8.53 15.87 30.37
N ASP B 751 -8.69 15.07 29.32
CA ASP B 751 -8.94 15.63 27.99
C ASP B 751 -10.28 16.37 27.95
N ILE B 752 -11.29 15.80 28.61
CA ILE B 752 -12.58 16.49 28.70
C ILE B 752 -12.40 17.82 29.42
N ARG B 753 -11.58 17.84 30.47
CA ARG B 753 -11.31 19.09 31.16
C ARG B 753 -10.64 20.09 30.23
N LYS B 754 -9.67 19.63 29.43
CA LYS B 754 -9.00 20.52 28.48
C LYS B 754 -10.01 21.17 27.54
N TYR B 755 -10.83 20.35 26.89
CA TYR B 755 -11.75 20.88 25.89
C TYR B 755 -12.83 21.76 26.53
N GLU B 756 -13.32 21.37 27.71
CA GLU B 756 -14.33 22.18 28.39
C GLU B 756 -13.76 23.52 28.81
N MET B 757 -12.51 23.55 29.30
CA MET B 757 -11.90 24.82 29.65
C MET B 757 -11.68 25.69 28.43
N PHE B 758 -11.26 25.10 27.32
CA PHE B 758 -11.10 25.87 26.09
C PHE B 758 -12.42 26.48 25.64
N ALA B 759 -13.48 25.68 25.63
CA ALA B 759 -14.79 26.19 25.24
C ALA B 759 -15.30 27.25 26.20
N GLN B 760 -15.04 27.06 27.50
CA GLN B 760 -15.48 28.04 28.48
C GLN B 760 -14.74 29.36 28.32
N THR B 761 -13.45 29.31 28.03
CA THR B 761 -12.70 30.55 27.76
C THR B 761 -13.23 31.24 26.52
N LEU B 762 -13.56 30.47 25.47
CA LEU B 762 -14.14 31.08 24.28
C LEU B 762 -15.49 31.72 24.59
N GLN B 763 -16.32 31.05 25.39
CA GLN B 763 -17.69 31.50 25.61
C GLN B 763 -17.76 32.65 26.61
N GLN B 764 -16.85 32.71 27.57
CA GLN B 764 -16.95 33.74 28.60
C GLN B 764 -16.69 35.14 28.05
N SER B 765 -16.06 35.26 26.89
CA SER B 765 -15.86 36.57 26.29
C SER B 765 -17.18 37.20 25.90
N ARG B 766 -18.11 36.40 25.38
CA ARG B 766 -19.40 36.91 24.90
C ARG B 766 -20.42 36.79 26.04
N GLY B 767 -20.75 37.92 26.66
CA GLY B 767 -21.78 37.94 27.68
C GLY B 767 -22.59 39.22 27.67
N PHE B 768 -23.91 39.10 27.50
CA PHE B 768 -24.79 40.26 27.45
C PHE B 768 -26.19 39.90 27.95
N VAL C 556 -7.67 6.18 62.56
CA VAL C 556 -6.94 6.33 61.31
C VAL C 556 -5.46 6.53 61.58
N TYR C 557 -4.68 6.71 60.51
CA TYR C 557 -3.25 6.93 60.61
C TYR C 557 -2.87 8.08 59.69
N LEU C 558 -1.75 8.73 60.00
CA LEU C 558 -1.33 9.88 59.22
C LEU C 558 -0.44 9.47 58.03
N ASP C 559 0.72 8.90 58.32
CA ASP C 559 1.64 8.43 57.28
C ASP C 559 2.76 7.60 57.88
N GLY C 560 2.99 6.41 57.32
CA GLY C 560 4.07 5.56 57.77
C GLY C 560 3.91 4.97 59.15
N ASP C 561 2.77 5.17 59.80
CA ASP C 561 2.58 4.63 61.14
C ASP C 561 2.35 3.13 61.07
N ARG C 562 2.77 2.43 62.14
CA ARG C 562 2.57 1.00 62.21
C ARG C 562 1.08 0.67 62.29
N THR C 563 0.70 -0.43 61.68
CA THR C 563 -0.68 -0.88 61.65
C THR C 563 -0.77 -2.31 62.19
N ASN C 564 -1.91 -2.62 62.80
CA ASN C 564 -2.12 -3.94 63.40
C ASN C 564 -2.34 -4.99 62.33
N SER C 565 -1.31 -5.26 61.52
CA SER C 565 -1.40 -6.26 60.46
C SER C 565 0.02 -6.67 60.11
N ARG C 566 0.36 -7.93 60.35
CA ARG C 566 1.72 -8.39 60.14
C ARG C 566 2.06 -8.37 58.65
N SER C 567 3.28 -7.92 58.35
CA SER C 567 3.74 -7.83 56.97
C SER C 567 4.49 -9.11 56.58
N THR C 568 4.01 -9.77 55.54
CA THR C 568 4.65 -11.01 55.07
C THR C 568 6.06 -10.73 54.59
N GLY C 569 6.22 -9.77 53.69
CA GLY C 569 7.54 -9.37 53.22
C GLY C 569 8.13 -8.23 54.03
N GLY C 570 8.28 -8.42 55.33
CA GLY C 570 8.76 -7.36 56.19
C GLY C 570 10.24 -7.11 56.05
N LYS C 571 10.65 -6.60 54.89
CA LYS C 571 12.07 -6.34 54.64
C LYS C 571 12.61 -5.28 55.58
N CYS C 572 11.76 -4.31 55.98
CA CYS C 572 12.19 -3.30 56.92
C CYS C 572 12.45 -3.87 58.30
N GLY C 573 11.90 -5.05 58.62
CA GLY C 573 12.07 -5.65 59.92
C GLY C 573 11.09 -5.17 60.97
N CYS C 574 10.20 -4.24 60.63
CA CYS C 574 9.21 -3.77 61.60
C CYS C 574 8.23 -4.87 61.98
N GLY C 575 7.88 -5.74 61.03
CA GLY C 575 6.94 -6.82 61.28
C GLY C 575 5.49 -6.45 61.13
N PHE C 576 5.19 -5.19 60.82
CA PHE C 576 3.81 -4.74 60.63
C PHE C 576 3.73 -3.91 59.36
N LYS C 577 2.57 -3.93 58.72
CA LYS C 577 2.33 -3.06 57.58
C LYS C 577 2.22 -1.62 58.04
N HIS C 578 2.71 -0.71 57.20
CA HIS C 578 2.73 0.72 57.49
C HIS C 578 1.68 1.41 56.64
N PHE C 579 0.96 2.35 57.25
CA PHE C 579 -0.07 3.08 56.54
C PHE C 579 0.54 4.16 55.65
N TRP C 580 0.00 4.28 54.44
CA TRP C 580 0.46 5.32 53.51
C TRP C 580 -0.60 5.48 52.43
N ASP C 581 -1.03 6.73 52.21
CA ASP C 581 -1.93 7.08 51.12
C ASP C 581 -3.19 6.22 51.11
N GLY C 582 -3.73 5.98 52.30
CA GLY C 582 -4.96 5.23 52.42
C GLY C 582 -4.83 3.73 52.24
N LYS C 583 -3.61 3.19 52.22
CA LYS C 583 -3.41 1.77 52.07
C LYS C 583 -2.32 1.31 53.02
N GLU C 584 -2.07 0.00 53.03
CA GLU C 584 -1.06 -0.60 53.89
C GLU C 584 0.03 -1.21 53.03
N TYR C 585 1.29 -0.88 53.33
CA TYR C 585 2.44 -1.37 52.59
C TYR C 585 3.35 -2.16 53.49
N ASP C 586 3.92 -3.24 52.95
CA ASP C 586 4.85 -4.05 53.72
C ASP C 586 6.10 -3.25 54.09
N ASN C 587 6.61 -2.45 53.16
CA ASN C 587 7.81 -1.67 53.36
C ASN C 587 7.46 -0.18 53.35
N LEU C 588 8.50 0.65 53.41
CA LEU C 588 8.30 2.10 53.33
C LEU C 588 8.75 2.61 51.98
N PRO C 589 8.09 3.65 51.46
CA PRO C 589 8.46 4.17 50.14
C PRO C 589 9.80 4.87 50.16
N GLU C 590 10.39 4.99 48.98
CA GLU C 590 11.65 5.69 48.79
C GLU C 590 11.37 7.04 48.14
N ALA C 591 11.99 8.09 48.67
CA ALA C 591 11.71 9.44 48.19
C ALA C 591 12.71 9.86 47.13
N PHE C 592 12.21 10.53 46.09
CA PHE C 592 13.05 11.04 45.02
C PHE C 592 12.61 12.46 44.65
N PRO C 593 13.49 13.44 44.72
CA PRO C 593 13.11 14.80 44.31
C PRO C 593 12.88 14.88 42.81
N ILE C 594 11.98 15.79 42.42
CA ILE C 594 11.64 15.99 41.02
C ILE C 594 11.12 17.42 40.85
N THR C 595 11.32 17.98 39.66
CA THR C 595 10.89 19.34 39.36
C THR C 595 10.18 19.36 38.02
N LEU C 596 9.09 20.11 37.94
CA LEU C 596 8.32 20.29 36.73
C LEU C 596 8.39 21.75 36.30
N GLU C 597 8.50 21.98 34.99
CA GLU C 597 8.69 23.32 34.45
C GLU C 597 7.69 23.64 33.34
N TRP C 598 6.55 22.96 33.31
CA TRP C 598 5.58 23.19 32.26
C TRP C 598 4.93 24.56 32.40
N GLY C 599 4.74 25.23 31.27
CA GLY C 599 4.09 26.54 31.26
C GLY C 599 4.81 27.59 32.07
N GLY C 600 6.13 27.60 32.01
CA GLY C 600 6.91 28.59 32.75
C GLY C 600 7.03 28.36 34.24
N ARG C 601 5.91 28.10 34.91
CA ARG C 601 5.94 27.86 36.35
C ARG C 601 6.71 26.59 36.66
N VAL C 602 7.38 26.60 37.82
CA VAL C 602 8.21 25.48 38.28
C VAL C 602 7.64 24.97 39.59
N VAL C 603 7.42 23.67 39.68
CA VAL C 603 6.87 23.02 40.86
C VAL C 603 7.86 21.96 41.32
N ARG C 604 8.12 21.91 42.63
CA ARG C 604 9.03 20.94 43.22
C ARG C 604 8.23 19.91 43.99
N GLU C 605 8.55 18.63 43.79
CA GLU C 605 7.77 17.56 44.37
C GLU C 605 8.68 16.39 44.73
N THR C 606 8.19 15.50 45.57
CA THR C 606 8.90 14.29 45.96
C THR C 606 8.08 13.07 45.55
N VAL C 607 8.62 12.29 44.62
CA VAL C 607 7.99 11.06 44.18
C VAL C 607 8.29 9.97 45.19
N TYR C 608 7.26 9.25 45.62
CA TYR C 608 7.40 8.11 46.51
C TYR C 608 7.30 6.83 45.69
N TRP C 609 8.39 6.06 45.68
CA TRP C 609 8.48 4.84 44.87
C TRP C 609 8.39 3.64 45.80
N PHE C 610 7.49 2.72 45.46
CA PHE C 610 7.27 1.50 46.24
C PHE C 610 7.88 0.31 45.51
N GLN C 611 8.59 -0.53 46.26
CA GLN C 611 9.26 -1.69 45.69
C GLN C 611 9.39 -2.73 46.78
N TYR C 612 9.75 -3.95 46.38
CA TYR C 612 9.86 -5.09 47.29
C TYR C 612 8.56 -5.33 48.03
N GLU C 613 7.44 -5.22 47.32
CA GLU C 613 6.11 -5.44 47.90
C GLU C 613 5.65 -6.84 47.55
N SER C 614 5.13 -7.55 48.55
CA SER C 614 4.65 -8.92 48.33
C SER C 614 3.50 -8.94 47.35
N ASP C 615 2.57 -8.00 47.47
CA ASP C 615 1.44 -7.94 46.55
C ASP C 615 1.91 -7.39 45.20
N SER C 616 1.59 -8.10 44.12
CA SER C 616 1.99 -7.65 42.80
C SER C 616 1.31 -6.34 42.42
N SER C 617 0.02 -6.21 42.74
CA SER C 617 -0.71 -5.00 42.38
C SER C 617 -0.28 -3.79 43.19
N LEU C 618 0.40 -4.00 44.32
CA LEU C 618 0.80 -2.90 45.18
C LEU C 618 2.09 -2.23 44.72
N ASN C 619 2.84 -2.85 43.82
CA ASN C 619 4.08 -2.25 43.33
C ASN C 619 3.78 -1.03 42.46
N SER C 620 4.66 -0.05 42.54
CA SER C 620 4.45 1.20 41.81
C SER C 620 4.59 0.99 40.32
N ASN C 621 3.79 1.73 39.55
CA ASN C 621 3.87 1.75 38.10
C ASN C 621 4.21 3.17 37.68
N VAL C 622 5.25 3.32 36.87
CA VAL C 622 5.73 4.66 36.52
C VAL C 622 4.69 5.42 35.69
N TYR C 623 4.03 4.73 34.75
CA TYR C 623 3.08 5.39 33.87
C TYR C 623 1.85 5.89 34.62
N ASP C 624 1.56 5.34 35.79
CA ASP C 624 0.48 5.86 36.61
C ASP C 624 0.95 7.00 37.51
N VAL C 625 2.15 6.87 38.09
CA VAL C 625 2.67 7.89 38.99
C VAL C 625 2.87 9.21 38.23
N ALA C 626 3.50 9.14 37.06
CA ALA C 626 3.75 10.35 36.31
C ALA C 626 2.46 11.01 35.87
N MET C 627 1.50 10.22 35.39
CA MET C 627 0.22 10.78 34.95
C MET C 627 -0.51 11.44 36.11
N LYS C 628 -0.54 10.78 37.27
CA LYS C 628 -1.21 11.35 38.43
C LYS C 628 -0.55 12.66 38.85
N LEU C 629 0.78 12.69 38.88
CA LEU C 629 1.49 13.90 39.28
C LEU C 629 1.21 15.05 38.31
N VAL C 630 1.27 14.77 37.01
CA VAL C 630 1.05 15.81 36.02
C VAL C 630 -0.37 16.35 36.10
N THR C 631 -1.35 15.46 36.21
CA THR C 631 -2.73 15.92 36.31
C THR C 631 -3.01 16.63 37.62
N LYS C 632 -2.25 16.32 38.68
CA LYS C 632 -2.47 17.03 39.93
C LYS C 632 -1.86 18.43 39.90
N HIS C 633 -0.71 18.60 39.24
CA HIS C 633 -0.06 19.91 39.24
C HIS C 633 -0.40 20.76 38.02
N PHE C 634 -0.71 20.15 36.87
CA PHE C 634 -1.05 20.89 35.66
C PHE C 634 -2.32 20.31 35.06
N PRO C 635 -3.48 20.55 35.69
CA PRO C 635 -4.72 19.96 35.19
C PRO C 635 -5.27 20.76 34.02
N GLY C 636 -5.62 20.07 32.93
CA GLY C 636 -6.28 20.68 31.81
C GLY C 636 -5.38 21.35 30.79
N GLU C 637 -4.08 21.37 31.01
CA GLU C 637 -3.18 21.98 30.04
C GLU C 637 -3.10 21.13 28.77
N PHE C 638 -3.18 21.79 27.62
CA PHE C 638 -3.10 21.10 26.34
C PHE C 638 -1.69 20.59 26.10
N GLY C 639 -1.60 19.41 25.50
CA GLY C 639 -0.31 18.85 25.12
C GLY C 639 0.63 18.62 26.28
N SER C 640 0.11 18.14 27.40
CA SER C 640 0.93 17.88 28.58
C SER C 640 1.54 16.49 28.57
N GLU C 641 1.23 15.66 27.58
CA GLU C 641 1.78 14.31 27.54
C GLU C 641 3.30 14.33 27.37
N ILE C 642 3.84 15.40 26.79
CA ILE C 642 5.29 15.52 26.70
C ILE C 642 5.91 15.59 28.09
N LEU C 643 5.28 16.36 28.97
CA LEU C 643 5.72 16.39 30.36
C LEU C 643 5.61 15.03 31.00
N VAL C 644 4.56 14.28 30.68
CA VAL C 644 4.39 12.94 31.25
C VAL C 644 5.53 12.03 30.80
N GLN C 645 5.88 12.07 29.52
CA GLN C 645 6.99 11.24 29.04
C GLN C 645 8.31 11.65 29.68
N LYS C 646 8.53 12.95 29.83
CA LYS C 646 9.76 13.40 30.46
C LYS C 646 9.85 12.91 31.90
N VAL C 647 8.75 13.00 32.65
CA VAL C 647 8.74 12.52 34.02
C VAL C 647 8.95 11.02 34.08
N VAL C 648 8.34 10.28 33.14
CA VAL C 648 8.52 8.83 33.11
C VAL C 648 9.99 8.48 32.90
N HIS C 649 10.63 9.13 31.93
CA HIS C 649 12.03 8.84 31.66
C HIS C 649 12.91 9.20 32.86
N THR C 650 12.66 10.35 33.48
CA THR C 650 13.47 10.76 34.62
C THR C 650 13.30 9.78 35.78
N ILE C 651 12.08 9.36 36.07
CA ILE C 651 11.85 8.42 37.16
C ILE C 651 12.52 7.09 36.86
N LEU C 652 12.39 6.59 35.62
CA LEU C 652 13.01 5.32 35.28
C LEU C 652 14.52 5.38 35.44
N HIS C 653 15.14 6.47 34.97
CA HIS C 653 16.59 6.59 35.11
C HIS C 653 17.00 6.72 36.57
N GLN C 654 16.23 7.46 37.37
CA GLN C 654 16.63 7.75 38.73
C GLN C 654 16.45 6.56 39.66
N THR C 655 15.48 5.70 39.41
CA THR C 655 15.14 4.62 40.33
C THR C 655 15.89 3.32 40.03
N ALA C 656 16.77 3.31 39.05
CA ALA C 656 17.49 2.09 38.68
C ALA C 656 18.35 1.63 39.85
N LYS C 657 18.28 0.35 40.17
CA LYS C 657 19.06 -0.23 41.27
C LYS C 657 20.19 -1.08 40.70
N LYS C 658 21.43 -0.73 41.06
CA LYS C 658 22.58 -1.51 40.64
C LYS C 658 22.71 -2.81 41.44
N ASN C 659 22.42 -2.75 42.74
CA ASN C 659 22.41 -3.92 43.59
C ASN C 659 21.04 -4.05 44.25
N PRO C 660 20.39 -5.20 44.16
CA PRO C 660 19.03 -5.32 44.70
C PRO C 660 19.02 -5.40 46.23
N ASP C 661 19.77 -4.51 46.87
CA ASP C 661 19.80 -4.42 48.32
C ASP C 661 19.83 -2.99 48.83
N ASP C 662 19.76 -1.99 47.96
CA ASP C 662 19.87 -0.60 48.38
C ASP C 662 18.54 -0.04 48.84
N TYR C 663 17.90 -0.72 49.79
CA TYR C 663 16.66 -0.22 50.38
C TYR C 663 16.99 0.94 51.30
N THR C 664 16.52 2.14 50.94
CA THR C 664 16.77 3.35 51.72
C THR C 664 15.44 4.04 51.99
N PRO C 665 14.63 3.48 52.89
CA PRO C 665 13.33 4.07 53.16
C PRO C 665 13.44 5.44 53.80
N VAL C 666 12.47 6.29 53.51
CA VAL C 666 12.45 7.64 54.03
C VAL C 666 12.06 7.65 55.50
#